data_6YE5
#
_entry.id   6YE5
#
_entity_poly.entity_id   1
_entity_poly.type   'polypeptide(L)'
_entity_poly.pdbx_seq_one_letter_code
;GSSMRAERVGEQMKKELMDIINNKVKDPRVGFITITDVVLTNDLSQAKVFLTVLGNDKEVENTFKALDKAKGFIKSELGS
RMRLRIMPELMYEYDQSIEYGNKIERMIQDLHKQDRVE
;
_entity_poly.pdbx_strand_id   A
#
# COMPACT_ATOMS: atom_id res chain seq x y z
N GLY A 1 -12.48 -12.09 -3.77
CA GLY A 1 -12.36 -13.40 -4.44
C GLY A 1 -10.98 -14.02 -4.30
N SER A 2 -10.39 -13.86 -3.13
CA SER A 2 -9.07 -14.41 -2.85
C SER A 2 -9.11 -15.13 -1.50
N SER A 3 -7.95 -15.31 -0.88
CA SER A 3 -7.88 -15.97 0.45
C SER A 3 -8.60 -15.10 1.48
N MET A 4 -9.56 -15.68 2.19
CA MET A 4 -10.39 -14.97 3.16
C MET A 4 -9.55 -14.23 4.20
N ARG A 5 -8.52 -14.90 4.72
CA ARG A 5 -7.62 -14.30 5.70
C ARG A 5 -6.96 -13.07 5.09
N ALA A 6 -6.53 -13.23 3.85
CA ALA A 6 -5.85 -12.17 3.13
C ALA A 6 -6.77 -11.00 2.87
N GLU A 7 -8.03 -11.30 2.59
CA GLU A 7 -9.01 -10.25 2.33
C GLU A 7 -9.33 -9.50 3.61
N ARG A 8 -9.48 -10.22 4.71
CA ARG A 8 -9.79 -9.60 6.00
C ARG A 8 -8.62 -8.74 6.49
N VAL A 9 -7.47 -9.38 6.66
CA VAL A 9 -6.27 -8.67 7.19
C VAL A 9 -5.79 -7.64 6.18
N GLY A 10 -5.96 -7.94 4.92
CA GLY A 10 -5.55 -7.03 3.90
C GLY A 10 -6.41 -5.81 3.88
N GLU A 11 -7.71 -5.96 3.90
CA GLU A 11 -8.54 -4.81 3.76
C GLU A 11 -8.64 -4.05 5.06
N GLN A 12 -8.31 -4.69 6.16
CA GLN A 12 -8.23 -3.91 7.36
C GLN A 12 -6.98 -3.03 7.24
N MET A 13 -5.98 -3.60 6.56
CA MET A 13 -4.81 -2.86 6.17
C MET A 13 -5.21 -1.79 5.18
N LYS A 14 -6.32 -2.03 4.47
CA LYS A 14 -6.88 -1.05 3.51
C LYS A 14 -7.33 0.16 4.26
N LYS A 15 -7.97 -0.07 5.37
CA LYS A 15 -8.44 1.01 6.21
C LYS A 15 -7.26 1.82 6.71
N GLU A 16 -6.31 1.13 7.34
CA GLU A 16 -5.13 1.80 7.85
C GLU A 16 -4.33 2.43 6.73
N LEU A 17 -4.06 1.66 5.69
CA LEU A 17 -3.23 2.14 4.59
C LEU A 17 -3.92 3.28 3.84
N MET A 18 -5.24 3.23 3.77
CA MET A 18 -6.03 4.33 3.17
C MET A 18 -5.71 5.58 3.87
N ASP A 19 -5.93 5.52 5.18
CA ASP A 19 -5.74 6.66 6.00
C ASP A 19 -4.29 7.12 5.99
N ILE A 20 -3.37 6.17 6.05
CA ILE A 20 -1.97 6.50 6.02
C ILE A 20 -1.63 7.29 4.76
N ILE A 21 -1.92 6.74 3.60
CA ILE A 21 -1.56 7.41 2.37
C ILE A 21 -2.27 8.75 2.18
N ASN A 22 -3.60 8.74 2.20
CA ASN A 22 -4.33 9.94 1.82
C ASN A 22 -4.50 10.95 2.96
N ASN A 23 -4.44 10.49 4.21
CA ASN A 23 -4.60 11.39 5.33
C ASN A 23 -3.27 11.78 5.97
N LYS A 24 -2.25 10.95 5.79
CA LYS A 24 -0.95 11.25 6.39
C LYS A 24 0.04 11.83 5.39
N VAL A 25 0.08 11.27 4.19
CA VAL A 25 1.07 11.70 3.23
C VAL A 25 0.49 12.77 2.29
N LYS A 26 1.36 13.49 1.61
CA LYS A 26 0.94 14.61 0.78
C LYS A 26 0.37 14.19 -0.58
N ASP A 27 -0.68 14.88 -0.99
CA ASP A 27 -1.32 14.67 -2.30
C ASP A 27 -1.93 16.01 -2.81
N PRO A 28 -1.14 17.12 -2.79
CA PRO A 28 -1.65 18.44 -3.09
C PRO A 28 -1.62 18.83 -4.56
N ARG A 29 -1.06 17.98 -5.41
CA ARG A 29 -1.00 18.31 -6.81
C ARG A 29 -1.50 17.16 -7.69
N VAL A 30 -2.11 16.18 -7.06
CA VAL A 30 -2.64 15.03 -7.77
C VAL A 30 -4.10 14.83 -7.35
N GLY A 31 -4.85 14.03 -8.10
CA GLY A 31 -6.24 13.81 -7.77
C GLY A 31 -6.39 12.96 -6.54
N PHE A 32 -7.62 12.63 -6.21
CA PHE A 32 -7.89 11.81 -5.03
C PHE A 32 -7.29 10.42 -5.17
N ILE A 33 -6.90 9.86 -4.06
CA ILE A 33 -6.25 8.56 -4.01
C ILE A 33 -7.25 7.52 -3.54
N THR A 34 -7.39 6.44 -4.27
CA THR A 34 -8.34 5.44 -3.86
C THR A 34 -7.68 4.08 -3.74
N ILE A 35 -7.83 3.49 -2.58
CA ILE A 35 -7.38 2.15 -2.33
C ILE A 35 -8.41 1.20 -2.94
N THR A 36 -8.00 0.45 -3.92
CA THR A 36 -8.95 -0.38 -4.61
C THR A 36 -8.94 -1.74 -4.02
N ASP A 37 -7.74 -2.24 -3.77
CA ASP A 37 -7.60 -3.54 -3.21
C ASP A 37 -6.30 -3.67 -2.55
N VAL A 38 -6.32 -3.84 -1.28
CA VAL A 38 -5.14 -4.13 -0.62
C VAL A 38 -5.30 -5.55 -0.10
N VAL A 39 -4.58 -6.42 -0.68
CA VAL A 39 -4.76 -7.81 -0.42
C VAL A 39 -3.51 -8.42 0.07
N LEU A 40 -3.64 -9.37 0.93
CA LEU A 40 -2.51 -10.04 1.42
C LEU A 40 -2.11 -11.15 0.48
N THR A 41 -0.81 -11.30 0.27
CA THR A 41 -0.27 -12.40 -0.53
C THR A 41 -0.74 -13.74 0.05
N ASN A 42 -0.63 -14.80 -0.73
CA ASN A 42 -1.08 -16.13 -0.29
C ASN A 42 -0.28 -16.58 0.94
N ASP A 43 0.91 -16.02 1.11
CA ASP A 43 1.76 -16.32 2.26
C ASP A 43 1.22 -15.61 3.51
N LEU A 44 0.25 -14.71 3.29
CA LEU A 44 -0.43 -13.97 4.37
C LEU A 44 0.55 -13.08 5.13
N SER A 45 1.52 -12.53 4.43
CA SER A 45 2.53 -11.74 5.05
C SER A 45 2.72 -10.43 4.33
N GLN A 46 1.95 -10.19 3.28
CA GLN A 46 2.15 -8.99 2.50
C GLN A 46 0.84 -8.34 2.07
N ALA A 47 0.71 -7.05 2.39
CA ALA A 47 -0.47 -6.26 2.08
C ALA A 47 -0.22 -5.49 0.83
N LYS A 48 -0.84 -5.90 -0.24
CA LYS A 48 -0.62 -5.27 -1.51
C LYS A 48 -1.58 -4.19 -1.69
N VAL A 49 -1.10 -2.99 -1.56
CA VAL A 49 -1.91 -1.85 -1.69
C VAL A 49 -2.05 -1.47 -3.13
N PHE A 50 -3.18 -1.82 -3.68
CA PHE A 50 -3.50 -1.49 -5.05
C PHE A 50 -4.20 -0.13 -5.06
N LEU A 51 -3.55 0.90 -5.60
CA LEU A 51 -4.13 2.24 -5.59
C LEU A 51 -4.50 2.73 -6.97
N THR A 52 -5.43 3.63 -7.00
CA THR A 52 -5.79 4.35 -8.18
C THR A 52 -5.74 5.83 -7.84
N VAL A 53 -5.13 6.60 -8.69
CA VAL A 53 -5.01 8.01 -8.47
C VAL A 53 -5.10 8.74 -9.80
N LEU A 54 -5.63 9.94 -9.79
CA LEU A 54 -5.78 10.71 -11.00
C LEU A 54 -4.50 11.41 -11.31
N GLY A 55 -3.70 10.78 -12.11
CA GLY A 55 -2.44 11.35 -12.46
C GLY A 55 -1.66 10.54 -13.46
N ASN A 56 -0.55 11.12 -13.90
CA ASN A 56 0.38 10.50 -14.83
C ASN A 56 1.02 9.29 -14.28
N ASP A 57 1.66 8.50 -15.14
CA ASP A 57 2.39 7.33 -14.69
C ASP A 57 3.40 7.79 -13.68
N LYS A 58 3.84 9.00 -13.91
CA LYS A 58 4.81 9.65 -13.08
C LYS A 58 4.13 10.20 -11.87
N GLU A 59 2.86 10.60 -12.00
CA GLU A 59 2.13 11.12 -10.85
C GLU A 59 1.77 9.99 -9.93
N VAL A 60 1.39 8.90 -10.55
CA VAL A 60 1.13 7.65 -9.88
C VAL A 60 2.37 7.26 -9.13
N GLU A 61 3.50 7.45 -9.79
CA GLU A 61 4.75 7.18 -9.17
C GLU A 61 4.99 8.17 -8.08
N ASN A 62 4.68 9.44 -8.34
CA ASN A 62 4.86 10.51 -7.33
C ASN A 62 4.16 10.17 -6.03
N THR A 63 2.96 9.58 -6.12
CA THR A 63 2.27 9.13 -4.93
C THR A 63 3.04 7.98 -4.31
N PHE A 64 3.52 7.06 -5.15
CA PHE A 64 4.37 5.98 -4.67
C PHE A 64 5.64 6.55 -4.06
N LYS A 65 6.24 7.55 -4.71
CA LYS A 65 7.45 8.15 -4.20
C LYS A 65 7.19 8.81 -2.90
N ALA A 66 6.04 9.44 -2.76
CA ALA A 66 5.66 10.01 -1.48
C ALA A 66 5.58 8.90 -0.43
N LEU A 67 5.20 7.69 -0.89
CA LEU A 67 5.17 6.54 -0.01
C LEU A 67 6.58 6.10 0.30
N ASP A 68 7.37 5.79 -0.74
CA ASP A 68 8.80 5.41 -0.54
C ASP A 68 9.62 6.58 0.06
N LYS A 69 9.11 7.80 -0.01
CA LYS A 69 9.74 8.94 0.63
C LYS A 69 9.53 8.90 2.15
N ALA A 70 8.28 8.72 2.55
CA ALA A 70 7.93 8.75 3.97
C ALA A 70 7.62 7.36 4.44
N LYS A 71 8.22 6.41 3.77
CA LYS A 71 8.01 4.98 4.00
C LYS A 71 7.94 4.56 5.47
N GLY A 72 8.88 4.97 6.29
CA GLY A 72 8.83 4.55 7.67
C GLY A 72 7.76 5.26 8.45
N PHE A 73 7.38 6.44 8.00
CA PHE A 73 6.27 7.16 8.58
C PHE A 73 4.99 6.43 8.21
N ILE A 74 4.96 5.97 6.96
CA ILE A 74 3.87 5.14 6.47
C ILE A 74 3.82 3.88 7.34
N LYS A 75 5.01 3.31 7.55
CA LYS A 75 5.25 2.11 8.33
C LYS A 75 4.96 2.29 9.80
N SER A 76 5.19 3.47 10.31
CA SER A 76 5.00 3.74 11.72
C SER A 76 3.54 3.98 11.99
N GLU A 77 2.86 4.59 11.05
CA GLU A 77 1.44 4.76 11.18
C GLU A 77 0.81 3.39 11.01
N LEU A 78 1.49 2.58 10.20
CA LEU A 78 1.14 1.19 10.03
C LEU A 78 1.37 0.47 11.35
N GLY A 79 2.52 0.76 11.96
CA GLY A 79 2.85 0.20 13.25
C GLY A 79 1.91 0.67 14.36
N SER A 80 1.28 1.81 14.16
CA SER A 80 0.40 2.42 15.16
C SER A 80 -1.02 1.86 15.10
N ARG A 81 -1.29 0.99 14.12
CA ARG A 81 -2.63 0.44 13.95
C ARG A 81 -3.11 -0.28 15.23
N MET A 82 -2.16 -0.89 15.96
CA MET A 82 -2.41 -1.52 17.27
C MET A 82 -3.30 -2.77 17.19
N ARG A 83 -3.78 -3.12 16.01
CA ARG A 83 -4.62 -4.28 15.88
C ARG A 83 -3.97 -5.40 15.09
N LEU A 84 -2.77 -5.78 15.54
CA LEU A 84 -2.01 -6.90 14.98
C LEU A 84 -0.62 -6.95 15.59
N ARG A 85 -0.22 -8.11 16.07
CA ARG A 85 1.11 -8.31 16.64
C ARG A 85 2.08 -8.68 15.53
N ILE A 86 1.64 -9.58 14.66
CA ILE A 86 2.42 -10.00 13.52
C ILE A 86 2.42 -8.88 12.48
N MET A 87 3.54 -8.64 11.85
CA MET A 87 3.64 -7.55 10.91
C MET A 87 3.64 -8.01 9.45
N PRO A 88 2.50 -7.86 8.75
CA PRO A 88 2.43 -8.09 7.33
C PRO A 88 3.07 -6.91 6.61
N GLU A 89 3.90 -7.17 5.62
CA GLU A 89 4.60 -6.10 4.98
C GLU A 89 3.78 -5.52 3.84
N LEU A 90 3.88 -4.23 3.65
CA LEU A 90 3.12 -3.55 2.63
C LEU A 90 3.80 -3.59 1.28
N MET A 91 2.98 -3.57 0.25
CA MET A 91 3.46 -3.53 -1.11
C MET A 91 2.75 -2.40 -1.84
N TYR A 92 3.51 -1.45 -2.34
CA TYR A 92 2.94 -0.30 -3.05
C TYR A 92 2.67 -0.67 -4.50
N GLU A 93 1.43 -0.99 -4.83
CA GLU A 93 1.10 -1.39 -6.18
C GLU A 93 0.00 -0.52 -6.79
N TYR A 94 -0.14 -0.64 -8.08
CA TYR A 94 -1.11 0.13 -8.82
C TYR A 94 -2.25 -0.78 -9.23
N ASP A 95 -3.47 -0.28 -9.17
CA ASP A 95 -4.63 -1.09 -9.52
C ASP A 95 -4.51 -1.67 -10.91
N GLN A 96 -4.68 -2.98 -11.00
CA GLN A 96 -4.63 -3.68 -12.27
C GLN A 96 -6.02 -4.15 -12.65
N SER A 97 -6.99 -3.76 -11.85
CA SER A 97 -8.36 -4.20 -12.02
C SER A 97 -9.10 -3.31 -13.01
N ILE A 98 -9.16 -2.03 -12.72
CA ILE A 98 -9.87 -1.08 -13.53
C ILE A 98 -8.91 -0.13 -14.26
N GLU A 99 -7.79 0.17 -13.62
CA GLU A 99 -6.80 1.03 -14.23
C GLU A 99 -5.93 0.25 -15.21
N TYR A 100 -5.01 0.93 -15.87
CA TYR A 100 -4.09 0.27 -16.77
C TYR A 100 -3.06 -0.51 -15.95
N GLY A 101 -2.43 -1.49 -16.54
CA GLY A 101 -1.53 -2.31 -15.78
C GLY A 101 -0.06 -1.94 -15.96
N ASN A 102 0.39 -0.88 -15.28
CA ASN A 102 1.81 -0.52 -15.34
C ASN A 102 2.52 -0.96 -14.05
N LYS A 103 3.11 -2.14 -14.07
CA LYS A 103 3.86 -2.68 -12.93
C LYS A 103 5.37 -2.68 -13.15
N ILE A 104 5.83 -1.87 -14.10
CA ILE A 104 7.25 -1.86 -14.54
C ILE A 104 8.29 -2.04 -13.41
N GLU A 105 8.21 -1.26 -12.35
CA GLU A 105 9.20 -1.37 -11.29
C GLU A 105 8.62 -0.88 -9.96
N ARG A 106 9.08 -1.48 -8.86
CA ARG A 106 8.62 -1.11 -7.54
C ARG A 106 9.67 -1.48 -6.47
N MET A 107 9.90 -0.57 -5.52
CA MET A 107 10.88 -0.80 -4.44
C MET A 107 10.20 -1.22 -3.15
N ILE A 108 10.36 -2.48 -2.79
CA ILE A 108 9.85 -2.99 -1.52
C ILE A 108 11.00 -3.07 -0.54
N GLN A 109 11.07 -2.09 0.32
CA GLN A 109 12.18 -1.95 1.21
C GLN A 109 11.73 -0.98 2.25
N ASP A 110 12.62 -0.64 3.19
CA ASP A 110 12.38 0.48 4.10
C ASP A 110 11.45 0.10 5.20
N LEU A 111 11.34 -1.17 5.36
CA LEU A 111 10.61 -1.82 6.41
C LEU A 111 10.97 -1.16 7.75
N HIS A 112 10.05 -0.40 8.34
CA HIS A 112 10.40 0.32 9.57
C HIS A 112 10.10 -0.50 10.81
N LYS A 113 9.59 -1.70 10.61
CA LYS A 113 9.19 -2.56 11.76
C LYS A 113 10.40 -3.40 12.24
N GLN A 114 11.52 -3.23 11.60
CA GLN A 114 12.75 -3.86 12.06
C GLN A 114 13.40 -2.95 13.12
N ASP A 115 12.60 -2.02 13.64
CA ASP A 115 13.04 -1.02 14.61
C ASP A 115 13.31 -1.60 16.00
N ARG A 116 13.37 -2.91 16.11
CA ARG A 116 13.68 -3.55 17.37
C ARG A 116 15.18 -3.43 17.65
N VAL A 117 15.53 -2.33 18.29
CA VAL A 117 16.92 -2.01 18.58
C VAL A 117 17.50 -2.91 19.67
N GLU A 118 18.82 -2.92 19.75
CA GLU A 118 19.53 -3.70 20.72
C GLU A 118 20.75 -2.93 21.22
N GLY A 1 -11.97 -13.81 -5.57
CA GLY A 1 -10.62 -13.28 -5.87
C GLY A 1 -9.62 -13.61 -4.78
N SER A 2 -9.62 -12.83 -3.73
CA SER A 2 -8.71 -13.04 -2.63
C SER A 2 -9.35 -13.89 -1.54
N SER A 3 -8.55 -14.43 -0.64
CA SER A 3 -9.06 -15.27 0.45
C SER A 3 -9.68 -14.40 1.54
N MET A 4 -10.65 -14.94 2.28
CA MET A 4 -11.36 -14.18 3.30
C MET A 4 -10.42 -13.58 4.34
N ARG A 5 -9.48 -14.40 4.84
CA ARG A 5 -8.51 -13.91 5.81
C ARG A 5 -7.58 -12.88 5.16
N ALA A 6 -7.26 -13.11 3.91
CA ALA A 6 -6.38 -12.22 3.16
C ALA A 6 -7.05 -10.87 2.96
N GLU A 7 -8.33 -10.89 2.64
CA GLU A 7 -9.09 -9.67 2.47
C GLU A 7 -9.33 -8.99 3.81
N ARG A 8 -9.52 -9.78 4.85
CA ARG A 8 -9.74 -9.22 6.18
C ARG A 8 -8.52 -8.45 6.65
N VAL A 9 -7.40 -9.14 6.75
CA VAL A 9 -6.15 -8.49 7.23
C VAL A 9 -5.67 -7.48 6.19
N GLY A 10 -5.94 -7.78 4.95
CA GLY A 10 -5.55 -6.90 3.89
C GLY A 10 -6.34 -5.63 3.88
N GLU A 11 -7.65 -5.73 3.94
CA GLU A 11 -8.46 -4.57 3.81
C GLU A 11 -8.47 -3.79 5.09
N GLN A 12 -8.12 -4.42 6.20
CA GLN A 12 -7.95 -3.63 7.36
C GLN A 12 -6.70 -2.79 7.17
N MET A 13 -5.69 -3.43 6.54
CA MET A 13 -4.51 -2.73 6.09
C MET A 13 -4.90 -1.63 5.11
N LYS A 14 -6.02 -1.86 4.40
CA LYS A 14 -6.59 -0.88 3.45
C LYS A 14 -7.06 0.33 4.20
N LYS A 15 -7.75 0.09 5.29
CA LYS A 15 -8.26 1.15 6.14
C LYS A 15 -7.09 1.98 6.66
N GLU A 16 -6.11 1.29 7.25
CA GLU A 16 -4.95 1.98 7.74
C GLU A 16 -4.23 2.66 6.61
N LEU A 17 -3.94 1.92 5.54
CA LEU A 17 -3.14 2.46 4.45
C LEU A 17 -3.88 3.61 3.75
N MET A 18 -5.19 3.50 3.69
CA MET A 18 -6.02 4.55 3.14
C MET A 18 -5.77 5.81 3.85
N ASP A 19 -6.05 5.76 5.13
CA ASP A 19 -5.96 6.91 5.98
C ASP A 19 -4.52 7.39 6.08
N ILE A 20 -3.58 6.47 6.07
CA ILE A 20 -2.19 6.85 6.12
C ILE A 20 -1.84 7.71 4.91
N ILE A 21 -2.10 7.21 3.72
CA ILE A 21 -1.74 7.95 2.55
C ILE A 21 -2.53 9.26 2.42
N ASN A 22 -3.87 9.18 2.45
CA ASN A 22 -4.68 10.36 2.18
C ASN A 22 -4.83 11.31 3.37
N ASN A 23 -4.77 10.80 4.58
CA ASN A 23 -4.94 11.65 5.74
C ASN A 23 -3.64 11.90 6.51
N LYS A 24 -2.55 11.24 6.14
CA LYS A 24 -1.28 11.47 6.82
C LYS A 24 -0.25 12.09 5.90
N VAL A 25 -0.21 11.68 4.64
CA VAL A 25 0.79 12.18 3.75
C VAL A 25 0.22 13.25 2.83
N LYS A 26 1.09 14.02 2.20
CA LYS A 26 0.66 15.11 1.34
C LYS A 26 0.28 14.63 -0.07
N ASP A 27 -0.91 15.04 -0.52
CA ASP A 27 -1.40 14.72 -1.88
C ASP A 27 -2.43 15.79 -2.37
N PRO A 28 -2.21 17.11 -2.12
CA PRO A 28 -3.18 18.13 -2.44
C PRO A 28 -3.04 18.70 -3.87
N ARG A 29 -2.11 18.15 -4.64
CA ARG A 29 -1.88 18.62 -6.00
C ARG A 29 -2.00 17.49 -7.01
N VAL A 30 -2.60 16.41 -6.59
CA VAL A 30 -2.78 15.24 -7.45
C VAL A 30 -4.22 14.74 -7.32
N GLY A 31 -4.66 13.89 -8.26
CA GLY A 31 -5.99 13.33 -8.19
C GLY A 31 -6.19 12.53 -6.94
N PHE A 32 -7.42 12.13 -6.67
CA PHE A 32 -7.72 11.36 -5.48
C PHE A 32 -7.07 9.99 -5.55
N ILE A 33 -6.59 9.52 -4.41
CA ILE A 33 -5.93 8.24 -4.33
C ILE A 33 -6.89 7.24 -3.75
N THR A 34 -7.10 6.16 -4.45
CA THR A 34 -8.03 5.17 -4.00
C THR A 34 -7.34 3.82 -3.83
N ILE A 35 -7.41 3.30 -2.62
CA ILE A 35 -6.92 1.96 -2.35
C ILE A 35 -7.96 0.97 -2.83
N THR A 36 -7.69 0.33 -3.95
CA THR A 36 -8.69 -0.46 -4.61
C THR A 36 -8.62 -1.87 -4.14
N ASP A 37 -7.41 -2.37 -4.00
CA ASP A 37 -7.22 -3.71 -3.58
C ASP A 37 -6.00 -3.83 -2.79
N VAL A 38 -6.13 -3.94 -1.53
CA VAL A 38 -5.01 -4.23 -0.78
C VAL A 38 -5.24 -5.62 -0.25
N VAL A 39 -4.50 -6.52 -0.78
CA VAL A 39 -4.75 -7.90 -0.54
C VAL A 39 -3.56 -8.60 -0.02
N LEU A 40 -3.78 -9.58 0.78
CA LEU A 40 -2.70 -10.34 1.29
C LEU A 40 -2.28 -11.42 0.30
N THR A 41 -0.97 -11.57 0.13
CA THR A 41 -0.42 -12.61 -0.71
C THR A 41 -0.89 -13.98 -0.21
N ASN A 42 -0.76 -15.00 -1.05
CA ASN A 42 -1.22 -16.35 -0.70
C ASN A 42 -0.54 -16.85 0.59
N ASP A 43 0.66 -16.33 0.87
CA ASP A 43 1.40 -16.71 2.07
C ASP A 43 0.86 -15.99 3.31
N LEU A 44 -0.04 -15.02 3.09
CA LEU A 44 -0.65 -14.24 4.17
C LEU A 44 0.39 -13.46 4.96
N SER A 45 1.37 -12.90 4.24
CA SER A 45 2.44 -12.19 4.87
C SER A 45 2.66 -10.85 4.19
N GLN A 46 1.88 -10.56 3.15
CA GLN A 46 2.08 -9.34 2.41
C GLN A 46 0.77 -8.69 1.99
N ALA A 47 0.69 -7.38 2.21
CA ALA A 47 -0.47 -6.58 1.88
C ALA A 47 -0.17 -5.80 0.63
N LYS A 48 -0.78 -6.18 -0.45
CA LYS A 48 -0.52 -5.53 -1.70
C LYS A 48 -1.46 -4.44 -1.86
N VAL A 49 -0.97 -3.26 -1.61
CA VAL A 49 -1.75 -2.11 -1.70
C VAL A 49 -1.82 -1.63 -3.12
N PHE A 50 -2.93 -1.92 -3.73
CA PHE A 50 -3.21 -1.52 -5.08
C PHE A 50 -3.90 -0.16 -5.05
N LEU A 51 -3.22 0.88 -5.54
CA LEU A 51 -3.80 2.22 -5.51
C LEU A 51 -4.02 2.75 -6.90
N THR A 52 -4.98 3.62 -7.02
CA THR A 52 -5.23 4.31 -8.24
C THR A 52 -5.27 5.80 -7.97
N VAL A 53 -4.93 6.58 -8.95
CA VAL A 53 -4.87 8.02 -8.80
C VAL A 53 -5.03 8.68 -10.17
N LEU A 54 -5.58 9.87 -10.20
CA LEU A 54 -5.79 10.57 -11.45
C LEU A 54 -4.55 11.36 -11.78
N GLY A 55 -3.66 10.71 -12.46
CA GLY A 55 -2.43 11.35 -12.83
C GLY A 55 -1.58 10.53 -13.78
N ASN A 56 -0.40 11.05 -14.06
CA ASN A 56 0.60 10.39 -14.90
C ASN A 56 1.10 9.15 -14.27
N ASP A 57 1.71 8.29 -15.07
CA ASP A 57 2.36 7.10 -14.53
C ASP A 57 3.47 7.58 -13.63
N LYS A 58 3.96 8.74 -13.99
CA LYS A 58 4.97 9.45 -13.27
C LYS A 58 4.36 10.00 -12.02
N GLU A 59 3.08 10.38 -12.10
CA GLU A 59 2.41 10.91 -10.93
C GLU A 59 2.04 9.78 -10.00
N VAL A 60 1.72 8.67 -10.61
CA VAL A 60 1.51 7.42 -9.93
C VAL A 60 2.77 7.08 -9.16
N GLU A 61 3.88 7.35 -9.81
CA GLU A 61 5.16 7.15 -9.21
C GLU A 61 5.29 8.10 -8.06
N ASN A 62 4.96 9.36 -8.28
CA ASN A 62 5.05 10.42 -7.25
C ASN A 62 4.24 10.08 -6.01
N THR A 63 3.08 9.45 -6.20
CA THR A 63 2.29 9.03 -5.06
C THR A 63 3.02 7.92 -4.33
N PHE A 64 3.59 6.99 -5.11
CA PHE A 64 4.41 5.95 -4.52
C PHE A 64 5.66 6.56 -3.90
N LYS A 65 6.24 7.55 -4.57
CA LYS A 65 7.41 8.23 -4.04
C LYS A 65 7.06 8.92 -2.77
N ALA A 66 5.89 9.49 -2.70
CA ALA A 66 5.43 10.10 -1.44
C ALA A 66 5.38 9.04 -0.34
N LEU A 67 4.97 7.81 -0.73
CA LEU A 67 4.95 6.70 0.20
C LEU A 67 6.37 6.32 0.57
N ASP A 68 7.17 6.01 -0.45
CA ASP A 68 8.61 5.73 -0.29
C ASP A 68 9.38 6.90 0.39
N LYS A 69 8.99 8.12 0.11
CA LYS A 69 9.62 9.29 0.71
C LYS A 69 9.42 9.29 2.21
N ALA A 70 8.19 9.12 2.63
CA ALA A 70 7.87 9.12 4.05
C ALA A 70 7.68 7.70 4.54
N LYS A 71 8.35 6.79 3.86
CA LYS A 71 8.22 5.34 4.08
C LYS A 71 8.13 4.91 5.53
N GLY A 72 9.03 5.33 6.38
CA GLY A 72 8.98 4.88 7.75
C GLY A 72 7.90 5.55 8.54
N PHE A 73 7.54 6.76 8.14
CA PHE A 73 6.43 7.46 8.76
C PHE A 73 5.15 6.74 8.38
N ILE A 74 5.09 6.32 7.13
CA ILE A 74 3.99 5.53 6.63
C ILE A 74 3.97 4.22 7.42
N LYS A 75 5.16 3.65 7.57
CA LYS A 75 5.42 2.39 8.28
C LYS A 75 5.16 2.50 9.77
N SER A 76 5.35 3.67 10.32
CA SER A 76 5.16 3.88 11.74
C SER A 76 3.71 4.07 12.03
N GLU A 77 3.01 4.74 11.14
CA GLU A 77 1.60 4.88 11.27
C GLU A 77 1.00 3.52 11.02
N LEU A 78 1.64 2.79 10.12
CA LEU A 78 1.28 1.42 9.83
C LEU A 78 1.62 0.55 11.03
N GLY A 79 2.70 0.89 11.71
CA GLY A 79 3.09 0.19 12.90
C GLY A 79 2.14 0.45 14.07
N SER A 80 1.50 1.61 14.03
CA SER A 80 0.59 2.05 15.08
C SER A 80 -0.83 1.52 14.87
N ARG A 81 -1.04 0.81 13.75
CA ARG A 81 -2.35 0.27 13.37
C ARG A 81 -3.05 -0.47 14.53
N MET A 82 -2.27 -1.23 15.32
CA MET A 82 -2.79 -1.98 16.48
C MET A 82 -3.88 -3.01 16.07
N ARG A 83 -3.92 -3.36 14.80
CA ARG A 83 -4.85 -4.37 14.33
C ARG A 83 -4.21 -5.73 14.47
N LEU A 84 -4.48 -6.40 15.60
CA LEU A 84 -3.88 -7.69 15.91
C LEU A 84 -2.38 -7.53 16.13
N ARG A 85 -1.68 -8.62 16.39
CA ARG A 85 -0.24 -8.55 16.57
C ARG A 85 0.45 -9.00 15.29
N ILE A 86 -0.31 -9.65 14.43
CA ILE A 86 0.22 -10.15 13.17
C ILE A 86 0.22 -9.03 12.14
N MET A 87 1.40 -8.66 11.69
CA MET A 87 1.50 -7.60 10.72
C MET A 87 2.17 -8.08 9.43
N PRO A 88 1.41 -8.10 8.33
CA PRO A 88 1.94 -8.44 7.02
C PRO A 88 2.80 -7.29 6.49
N GLU A 89 3.60 -7.53 5.49
CA GLU A 89 4.43 -6.49 4.95
C GLU A 89 3.76 -5.86 3.73
N LEU A 90 4.01 -4.59 3.50
CA LEU A 90 3.33 -3.86 2.44
C LEU A 90 3.96 -4.04 1.06
N MET A 91 3.13 -3.95 0.05
CA MET A 91 3.56 -3.93 -1.34
C MET A 91 2.81 -2.81 -2.08
N TYR A 92 3.53 -1.73 -2.42
CA TYR A 92 2.90 -0.55 -3.07
C TYR A 92 2.83 -0.74 -4.58
N GLU A 93 1.65 -1.11 -5.07
CA GLU A 93 1.47 -1.32 -6.49
C GLU A 93 0.25 -0.53 -7.01
N TYR A 94 0.18 -0.35 -8.31
CA TYR A 94 -0.91 0.36 -8.92
C TYR A 94 -2.05 -0.59 -9.25
N ASP A 95 -3.29 -0.12 -9.10
CA ASP A 95 -4.47 -0.93 -9.39
C ASP A 95 -4.37 -1.66 -10.70
N GLN A 96 -4.46 -2.96 -10.65
CA GLN A 96 -4.45 -3.79 -11.82
C GLN A 96 -5.83 -4.35 -12.04
N SER A 97 -6.71 -4.08 -11.09
CA SER A 97 -8.06 -4.59 -11.12
C SER A 97 -8.91 -3.89 -12.17
N ILE A 98 -9.06 -2.58 -12.05
CA ILE A 98 -9.92 -1.84 -12.94
C ILE A 98 -9.15 -0.90 -13.87
N GLU A 99 -8.06 -0.33 -13.38
CA GLU A 99 -7.27 0.59 -14.16
C GLU A 99 -6.32 -0.10 -15.13
N TYR A 100 -5.45 0.69 -15.74
CA TYR A 100 -4.44 0.21 -16.65
C TYR A 100 -3.36 -0.57 -15.89
N GLY A 101 -2.81 -1.59 -16.53
CA GLY A 101 -1.87 -2.44 -15.85
C GLY A 101 -0.41 -2.07 -16.09
N ASN A 102 0.07 -0.99 -15.45
CA ASN A 102 1.48 -0.63 -15.58
C ASN A 102 2.29 -1.08 -14.38
N LYS A 103 2.94 -2.22 -14.53
CA LYS A 103 3.78 -2.83 -13.50
C LYS A 103 5.26 -2.63 -13.80
N ILE A 104 5.56 -1.62 -14.62
CA ILE A 104 6.92 -1.35 -15.12
C ILE A 104 8.04 -1.63 -14.09
N GLU A 105 7.90 -1.11 -12.88
CA GLU A 105 8.88 -1.37 -11.82
C GLU A 105 8.40 -0.79 -10.51
N ARG A 106 8.83 -1.41 -9.42
CA ARG A 106 8.45 -0.94 -8.09
C ARG A 106 9.48 -1.41 -7.06
N MET A 107 9.82 -0.53 -6.12
CA MET A 107 10.77 -0.86 -5.07
C MET A 107 10.07 -1.19 -3.75
N ILE A 108 10.14 -2.44 -3.36
CA ILE A 108 9.61 -2.86 -2.08
C ILE A 108 10.77 -2.98 -1.12
N GLN A 109 10.94 -1.97 -0.32
CA GLN A 109 12.07 -1.83 0.53
C GLN A 109 11.69 -0.81 1.55
N ASP A 110 12.60 -0.47 2.47
CA ASP A 110 12.39 0.70 3.33
C ASP A 110 11.39 0.41 4.40
N LEU A 111 11.16 -0.83 4.57
CA LEU A 111 10.31 -1.37 5.56
C LEU A 111 10.83 -0.98 6.94
N HIS A 112 10.08 -0.16 7.68
CA HIS A 112 10.56 0.34 8.97
C HIS A 112 10.15 -0.58 10.11
N LYS A 113 9.50 -1.66 9.77
CA LYS A 113 8.99 -2.61 10.80
C LYS A 113 10.06 -3.67 11.12
N GLN A 114 11.19 -3.59 10.45
CA GLN A 114 12.32 -4.46 10.72
C GLN A 114 13.33 -3.74 11.61
N ASP A 115 12.87 -2.68 12.24
CA ASP A 115 13.72 -1.83 13.06
C ASP A 115 14.07 -2.46 14.41
N ARG A 116 13.59 -3.67 14.64
CA ARG A 116 13.88 -4.36 15.89
C ARG A 116 15.39 -4.62 16.02
N VAL A 117 16.00 -3.93 16.95
CA VAL A 117 17.42 -4.06 17.19
C VAL A 117 17.68 -4.98 18.37
N GLU A 118 18.91 -4.98 18.84
CA GLU A 118 19.26 -5.77 19.98
C GLU A 118 19.15 -4.93 21.24
N GLY A 1 -4.39 -20.11 0.59
CA GLY A 1 -3.79 -18.83 1.01
C GLY A 1 -4.75 -17.67 0.88
N SER A 2 -5.42 -17.59 -0.25
CA SER A 2 -6.39 -16.53 -0.48
C SER A 2 -7.69 -16.83 0.26
N SER A 3 -7.69 -16.51 1.53
CA SER A 3 -8.87 -16.78 2.39
C SER A 3 -9.52 -15.47 2.81
N MET A 4 -10.68 -15.58 3.46
CA MET A 4 -11.36 -14.42 4.01
C MET A 4 -10.48 -13.76 5.07
N ARG A 5 -9.66 -14.58 5.72
CA ARG A 5 -8.72 -14.12 6.72
C ARG A 5 -7.75 -13.12 6.09
N ALA A 6 -7.12 -13.54 5.00
CA ALA A 6 -6.19 -12.69 4.26
C ALA A 6 -6.91 -11.48 3.71
N GLU A 7 -8.14 -11.68 3.26
CA GLU A 7 -8.94 -10.60 2.71
C GLU A 7 -9.25 -9.56 3.78
N ARG A 8 -9.73 -10.02 4.95
CA ARG A 8 -10.06 -9.13 6.06
C ARG A 8 -8.82 -8.38 6.55
N VAL A 9 -7.72 -9.10 6.76
CA VAL A 9 -6.47 -8.46 7.22
C VAL A 9 -5.98 -7.47 6.19
N GLY A 10 -6.12 -7.85 4.92
CA GLY A 10 -5.71 -6.99 3.86
C GLY A 10 -6.52 -5.76 3.78
N GLU A 11 -7.81 -5.89 3.82
CA GLU A 11 -8.63 -4.74 3.63
C GLU A 11 -8.57 -3.88 4.86
N GLN A 12 -8.22 -4.46 5.98
CA GLN A 12 -8.01 -3.66 7.13
C GLN A 12 -6.75 -2.87 6.95
N MET A 13 -5.83 -3.48 6.24
CA MET A 13 -4.67 -2.81 5.79
C MET A 13 -5.09 -1.72 4.82
N LYS A 14 -6.24 -1.90 4.14
CA LYS A 14 -6.75 -0.87 3.22
C LYS A 14 -7.42 0.24 3.98
N LYS A 15 -7.98 -0.09 5.13
CA LYS A 15 -8.58 0.91 5.99
C LYS A 15 -7.49 1.80 6.52
N GLU A 16 -6.52 1.15 7.14
CA GLU A 16 -5.39 1.88 7.66
C GLU A 16 -4.59 2.52 6.54
N LEU A 17 -4.37 1.80 5.43
CA LEU A 17 -3.61 2.38 4.33
C LEU A 17 -4.37 3.57 3.76
N MET A 18 -5.70 3.42 3.63
CA MET A 18 -6.56 4.50 3.12
C MET A 18 -6.29 5.75 3.86
N ASP A 19 -6.52 5.68 5.15
CA ASP A 19 -6.42 6.83 5.99
C ASP A 19 -5.00 7.34 6.07
N ILE A 20 -4.06 6.45 6.29
CA ILE A 20 -2.70 6.88 6.44
C ILE A 20 -2.18 7.49 5.14
N ILE A 21 -2.41 6.85 4.02
CA ILE A 21 -1.90 7.37 2.78
C ILE A 21 -2.56 8.71 2.41
N ASN A 22 -3.88 8.74 2.31
CA ASN A 22 -4.55 9.92 1.79
C ASN A 22 -4.83 10.99 2.85
N ASN A 23 -4.99 10.58 4.10
CA ASN A 23 -5.26 11.53 5.17
C ASN A 23 -3.97 11.99 5.86
N LYS A 24 -2.94 11.14 5.86
CA LYS A 24 -1.68 11.52 6.51
C LYS A 24 -0.67 12.06 5.51
N VAL A 25 -0.45 11.35 4.42
CA VAL A 25 0.56 11.77 3.48
C VAL A 25 -0.09 12.56 2.34
N LYS A 26 -0.04 13.87 2.47
CA LYS A 26 -0.70 14.77 1.54
C LYS A 26 0.12 15.02 0.27
N ASP A 27 -0.60 15.26 -0.81
CA ASP A 27 0.00 15.68 -2.07
C ASP A 27 -1.10 16.22 -2.97
N PRO A 28 -1.47 17.49 -2.76
CA PRO A 28 -2.58 18.13 -3.50
C PRO A 28 -2.23 18.45 -4.95
N ARG A 29 -1.13 17.91 -5.42
CA ARG A 29 -0.71 18.13 -6.79
C ARG A 29 -1.17 16.96 -7.66
N VAL A 30 -1.55 15.88 -7.01
CA VAL A 30 -2.00 14.69 -7.69
C VAL A 30 -3.50 14.47 -7.45
N GLY A 31 -4.11 13.59 -8.25
CA GLY A 31 -5.52 13.33 -8.14
C GLY A 31 -5.89 12.57 -6.88
N PHE A 32 -7.16 12.24 -6.77
CA PHE A 32 -7.68 11.52 -5.63
C PHE A 32 -7.03 10.15 -5.52
N ILE A 33 -6.68 9.77 -4.32
CA ILE A 33 -6.03 8.50 -4.06
C ILE A 33 -7.04 7.53 -3.47
N THR A 34 -7.18 6.37 -4.08
CA THR A 34 -8.15 5.41 -3.57
C THR A 34 -7.55 4.01 -3.50
N ILE A 35 -7.80 3.35 -2.39
CA ILE A 35 -7.40 1.96 -2.21
C ILE A 35 -8.39 1.08 -2.94
N THR A 36 -7.94 0.32 -3.89
CA THR A 36 -8.84 -0.47 -4.65
C THR A 36 -8.80 -1.89 -4.19
N ASP A 37 -7.59 -2.42 -4.05
CA ASP A 37 -7.43 -3.78 -3.64
C ASP A 37 -6.18 -3.96 -2.87
N VAL A 38 -6.31 -4.10 -1.61
CA VAL A 38 -5.19 -4.42 -0.85
C VAL A 38 -5.45 -5.77 -0.23
N VAL A 39 -4.61 -6.69 -0.51
CA VAL A 39 -4.84 -8.05 -0.09
C VAL A 39 -3.60 -8.68 0.45
N LEU A 40 -3.79 -9.61 1.35
CA LEU A 40 -2.68 -10.35 1.89
C LEU A 40 -2.43 -11.58 1.05
N THR A 41 -1.18 -11.79 0.68
CA THR A 41 -0.81 -12.96 -0.08
C THR A 41 -0.92 -14.23 0.75
N ASN A 42 -0.87 -15.37 0.09
CA ASN A 42 -0.99 -16.70 0.70
C ASN A 42 -0.30 -16.82 2.08
N ASP A 43 0.89 -16.28 2.21
CA ASP A 43 1.66 -16.43 3.46
C ASP A 43 1.34 -15.38 4.51
N LEU A 44 0.29 -14.58 4.26
CA LEU A 44 -0.18 -13.57 5.23
C LEU A 44 0.94 -12.62 5.68
N SER A 45 1.87 -12.33 4.78
CA SER A 45 2.95 -11.44 5.11
C SER A 45 3.10 -10.38 4.05
N GLN A 46 2.27 -10.45 3.01
CA GLN A 46 2.36 -9.49 1.95
C GLN A 46 1.03 -8.79 1.72
N ALA A 47 1.05 -7.47 1.85
CA ALA A 47 -0.14 -6.64 1.68
C ALA A 47 -0.02 -5.90 0.40
N LYS A 48 -0.77 -6.30 -0.58
CA LYS A 48 -0.68 -5.68 -1.87
C LYS A 48 -1.59 -4.53 -1.93
N VAL A 49 -1.05 -3.36 -1.83
CA VAL A 49 -1.80 -2.18 -1.87
C VAL A 49 -1.96 -1.67 -3.29
N PHE A 50 -3.10 -1.99 -3.84
CA PHE A 50 -3.44 -1.56 -5.17
C PHE A 50 -4.15 -0.21 -5.10
N LEU A 51 -3.51 0.85 -5.61
CA LEU A 51 -4.08 2.20 -5.52
C LEU A 51 -4.45 2.75 -6.88
N THR A 52 -5.43 3.61 -6.86
CA THR A 52 -5.79 4.35 -8.03
C THR A 52 -5.63 5.83 -7.74
N VAL A 53 -5.08 6.55 -8.67
CA VAL A 53 -4.84 7.96 -8.52
C VAL A 53 -4.92 8.63 -9.88
N LEU A 54 -5.46 9.84 -9.92
CA LEU A 54 -5.61 10.56 -11.18
C LEU A 54 -4.38 11.34 -11.48
N GLY A 55 -3.48 10.72 -12.15
CA GLY A 55 -2.26 11.39 -12.50
C GLY A 55 -1.41 10.62 -13.47
N ASN A 56 -0.23 11.16 -13.74
CA ASN A 56 0.76 10.57 -14.64
C ASN A 56 1.28 9.28 -14.13
N ASP A 57 1.98 8.54 -14.98
CA ASP A 57 2.67 7.34 -14.53
C ASP A 57 3.68 7.78 -13.51
N LYS A 58 4.11 9.02 -13.70
CA LYS A 58 5.06 9.68 -12.87
C LYS A 58 4.37 10.19 -11.66
N GLU A 59 3.06 10.44 -11.78
CA GLU A 59 2.29 10.86 -10.62
C GLU A 59 1.91 9.66 -9.80
N VAL A 60 1.72 8.54 -10.48
CA VAL A 60 1.52 7.27 -9.85
C VAL A 60 2.77 6.94 -9.06
N GLU A 61 3.89 7.28 -9.67
CA GLU A 61 5.17 7.11 -9.04
C GLU A 61 5.28 8.11 -7.92
N ASN A 62 4.79 9.32 -8.17
CA ASN A 62 4.79 10.41 -7.19
C ASN A 62 4.14 9.95 -5.89
N THR A 63 2.98 9.32 -6.00
CA THR A 63 2.32 8.81 -4.84
C THR A 63 3.16 7.72 -4.21
N PHE A 64 3.71 6.84 -5.06
CA PHE A 64 4.60 5.80 -4.57
C PHE A 64 5.80 6.42 -3.88
N LYS A 65 6.34 7.51 -4.45
CA LYS A 65 7.43 8.23 -3.82
C LYS A 65 6.98 8.74 -2.50
N ALA A 66 5.79 9.33 -2.43
CA ALA A 66 5.28 9.82 -1.16
C ALA A 66 5.24 8.69 -0.12
N LEU A 67 4.97 7.46 -0.58
CA LEU A 67 4.99 6.31 0.31
C LEU A 67 6.43 5.97 0.69
N ASP A 68 7.25 5.67 -0.31
CA ASP A 68 8.67 5.34 -0.09
C ASP A 68 9.48 6.48 0.58
N LYS A 69 9.17 7.72 0.26
CA LYS A 69 9.85 8.90 0.83
C LYS A 69 9.48 9.09 2.30
N ALA A 70 8.19 8.98 2.59
CA ALA A 70 7.70 9.14 3.94
C ALA A 70 7.53 7.78 4.54
N LYS A 71 8.31 6.87 4.01
CA LYS A 71 8.31 5.47 4.35
C LYS A 71 8.21 5.24 5.84
N GLY A 72 9.25 5.53 6.61
CA GLY A 72 9.21 5.23 8.04
C GLY A 72 8.02 5.86 8.76
N PHE A 73 7.55 6.99 8.28
CA PHE A 73 6.37 7.64 8.85
C PHE A 73 5.13 6.82 8.52
N ILE A 74 4.97 6.51 7.25
CA ILE A 74 3.82 5.75 6.79
C ILE A 74 3.97 4.27 7.28
N LYS A 75 5.21 3.89 7.53
CA LYS A 75 5.61 2.55 8.00
C LYS A 75 5.35 2.39 9.46
N SER A 76 5.65 3.40 10.22
CA SER A 76 5.46 3.35 11.66
C SER A 76 4.00 3.57 11.96
N GLU A 77 3.36 4.39 11.16
CA GLU A 77 1.95 4.62 11.31
C GLU A 77 1.21 3.33 10.96
N LEU A 78 1.66 2.66 9.90
CA LEU A 78 1.14 1.35 9.55
C LEU A 78 1.58 0.36 10.60
N GLY A 79 2.79 0.55 11.10
CA GLY A 79 3.32 -0.27 12.15
C GLY A 79 2.62 -0.08 13.48
N SER A 80 1.82 0.99 13.59
CA SER A 80 1.09 1.25 14.82
C SER A 80 -0.17 0.40 14.88
N ARG A 81 -0.49 -0.23 13.77
CA ARG A 81 -1.61 -1.12 13.70
C ARG A 81 -1.10 -2.55 13.55
N MET A 82 -2.01 -3.54 13.69
CA MET A 82 -1.68 -4.98 13.54
C MET A 82 -0.48 -5.39 14.40
N ARG A 83 -0.64 -5.28 15.70
CA ARG A 83 0.40 -5.68 16.62
C ARG A 83 0.35 -7.19 16.84
N LEU A 84 0.90 -7.92 15.88
CA LEU A 84 0.91 -9.37 15.92
C LEU A 84 2.32 -9.88 15.68
N ARG A 85 2.48 -11.19 15.62
CA ARG A 85 3.77 -11.79 15.37
C ARG A 85 4.14 -11.69 13.90
N ILE A 86 3.11 -11.53 13.07
CA ILE A 86 3.31 -11.39 11.64
C ILE A 86 3.29 -9.92 11.24
N MET A 87 4.22 -9.54 10.39
CA MET A 87 4.30 -8.16 9.92
C MET A 87 4.21 -8.11 8.40
N PRO A 88 3.01 -7.86 7.87
CA PRO A 88 2.77 -7.72 6.43
C PRO A 88 3.56 -6.58 5.81
N GLU A 89 3.99 -6.78 4.57
CA GLU A 89 4.72 -5.76 3.85
C GLU A 89 3.77 -5.02 2.94
N LEU A 90 3.96 -3.73 2.82
CA LEU A 90 3.06 -2.92 2.02
C LEU A 90 3.58 -2.78 0.61
N MET A 91 3.02 -3.53 -0.31
CA MET A 91 3.43 -3.47 -1.70
C MET A 91 2.65 -2.39 -2.39
N TYR A 92 3.32 -1.31 -2.71
CA TYR A 92 2.68 -0.16 -3.32
C TYR A 92 2.59 -0.34 -4.82
N GLU A 93 1.41 -0.74 -5.27
CA GLU A 93 1.22 -1.03 -6.67
C GLU A 93 0.00 -0.28 -7.22
N TYR A 94 0.04 0.00 -8.51
CA TYR A 94 -1.04 0.68 -9.19
C TYR A 94 -2.12 -0.32 -9.56
N ASP A 95 -3.38 0.10 -9.44
CA ASP A 95 -4.50 -0.78 -9.77
C ASP A 95 -4.37 -1.35 -11.18
N GLN A 96 -4.30 -2.67 -11.25
CA GLN A 96 -4.15 -3.35 -12.53
C GLN A 96 -5.46 -3.98 -12.95
N SER A 97 -6.48 -3.83 -12.14
CA SER A 97 -7.76 -4.48 -12.38
C SER A 97 -8.75 -3.58 -13.13
N ILE A 98 -8.96 -2.36 -12.68
CA ILE A 98 -9.91 -1.48 -13.31
C ILE A 98 -9.24 -0.33 -14.04
N GLU A 99 -8.06 0.08 -13.58
CA GLU A 99 -7.32 1.10 -14.27
C GLU A 99 -6.59 0.47 -15.43
N TYR A 100 -6.00 1.28 -16.27
CA TYR A 100 -5.19 0.73 -17.30
C TYR A 100 -3.77 0.65 -16.73
N GLY A 101 -3.32 -0.54 -16.38
CA GLY A 101 -2.07 -0.65 -15.72
C GLY A 101 -1.14 -1.67 -16.36
N ASN A 102 0.15 -1.33 -16.50
CA ASN A 102 1.10 -2.28 -17.02
C ASN A 102 1.91 -2.88 -15.88
N LYS A 103 1.96 -4.21 -15.81
CA LYS A 103 2.63 -4.93 -14.72
C LYS A 103 4.18 -4.84 -14.80
N ILE A 104 4.68 -3.91 -15.61
CA ILE A 104 6.12 -3.77 -15.80
C ILE A 104 6.83 -3.31 -14.51
N GLU A 105 6.23 -2.37 -13.79
CA GLU A 105 6.84 -1.84 -12.59
C GLU A 105 6.05 -2.17 -11.34
N ARG A 106 6.52 -3.15 -10.60
CA ARG A 106 5.93 -3.55 -9.35
C ARG A 106 6.88 -3.24 -8.21
N MET A 107 6.44 -2.41 -7.28
CA MET A 107 7.29 -1.95 -6.20
C MET A 107 7.13 -2.79 -4.94
N ILE A 108 8.06 -3.69 -4.74
CA ILE A 108 8.11 -4.48 -3.53
C ILE A 108 9.15 -3.88 -2.61
N GLN A 109 8.67 -3.12 -1.65
CA GLN A 109 9.50 -2.41 -0.74
C GLN A 109 8.58 -1.93 0.33
N ASP A 110 9.11 -1.19 1.31
CA ASP A 110 8.26 -0.56 2.32
C ASP A 110 7.73 -1.55 3.30
N LEU A 111 8.40 -2.64 3.32
CA LEU A 111 8.18 -3.69 4.24
C LEU A 111 8.28 -3.15 5.66
N HIS A 112 7.16 -3.08 6.37
CA HIS A 112 7.25 -2.68 7.77
C HIS A 112 7.93 -3.80 8.54
N LYS A 113 7.96 -4.95 7.93
CA LYS A 113 8.68 -6.13 8.51
C LYS A 113 10.19 -5.99 8.25
N GLN A 114 10.57 -4.91 7.57
CA GLN A 114 11.96 -4.62 7.29
C GLN A 114 12.52 -3.72 8.39
N ASP A 115 11.70 -3.46 9.41
CA ASP A 115 12.10 -2.66 10.58
C ASP A 115 13.28 -3.32 11.30
N ARG A 116 13.50 -4.59 10.99
CA ARG A 116 14.61 -5.36 11.53
C ARG A 116 15.94 -4.61 11.31
N VAL A 117 16.76 -4.58 12.34
CA VAL A 117 18.04 -3.89 12.26
C VAL A 117 19.02 -4.63 11.37
N GLU A 118 18.95 -5.94 11.41
CA GLU A 118 19.83 -6.76 10.64
C GLU A 118 19.02 -7.78 9.85
N GLY A 1 -9.75 -11.32 -6.46
CA GLY A 1 -9.44 -12.70 -6.03
C GLY A 1 -9.07 -12.76 -4.58
N SER A 2 -7.97 -13.47 -4.28
CA SER A 2 -7.46 -13.60 -2.91
C SER A 2 -8.41 -14.42 -2.02
N SER A 3 -7.94 -14.79 -0.84
CA SER A 3 -8.75 -15.58 0.11
C SER A 3 -9.50 -14.65 1.06
N MET A 4 -10.56 -15.16 1.67
CA MET A 4 -11.45 -14.36 2.52
C MET A 4 -10.71 -13.64 3.65
N ARG A 5 -9.94 -14.37 4.44
CA ARG A 5 -9.20 -13.78 5.54
C ARG A 5 -8.12 -12.85 5.03
N ALA A 6 -7.47 -13.28 3.95
CA ALA A 6 -6.45 -12.48 3.31
C ALA A 6 -7.02 -11.14 2.88
N GLU A 7 -8.21 -11.17 2.28
CA GLU A 7 -8.90 -9.96 1.89
C GLU A 7 -9.20 -9.12 3.10
N ARG A 8 -9.78 -9.73 4.12
CA ARG A 8 -10.14 -9.02 5.34
C ARG A 8 -8.94 -8.29 5.95
N VAL A 9 -7.93 -9.06 6.37
CA VAL A 9 -6.71 -8.46 7.01
C VAL A 9 -6.10 -7.41 6.09
N GLY A 10 -6.05 -7.74 4.82
CA GLY A 10 -5.53 -6.83 3.85
C GLY A 10 -6.31 -5.56 3.83
N GLU A 11 -7.63 -5.67 3.81
CA GLU A 11 -8.45 -4.52 3.66
C GLU A 11 -8.48 -3.73 4.95
N GLN A 12 -8.17 -4.38 6.06
CA GLN A 12 -8.07 -3.64 7.29
C GLN A 12 -6.88 -2.73 7.15
N MET A 13 -5.87 -3.29 6.50
CA MET A 13 -4.69 -2.53 6.21
C MET A 13 -5.02 -1.49 5.16
N LYS A 14 -6.09 -1.72 4.36
CA LYS A 14 -6.56 -0.69 3.40
C LYS A 14 -7.24 0.42 4.14
N LYS A 15 -7.86 0.07 5.27
CA LYS A 15 -8.46 1.07 6.12
C LYS A 15 -7.37 1.99 6.58
N GLU A 16 -6.32 1.39 7.14
CA GLU A 16 -5.18 2.20 7.57
C GLU A 16 -4.48 2.81 6.38
N LEU A 17 -4.33 2.06 5.29
CA LEU A 17 -3.64 2.55 4.12
C LEU A 17 -4.36 3.79 3.56
N MET A 18 -5.68 3.68 3.51
CA MET A 18 -6.53 4.77 3.04
C MET A 18 -6.31 5.98 3.87
N ASP A 19 -6.52 5.80 5.17
CA ASP A 19 -6.47 6.89 6.10
C ASP A 19 -5.08 7.48 6.22
N ILE A 20 -4.07 6.65 6.33
CA ILE A 20 -2.70 7.16 6.48
C ILE A 20 -2.27 7.95 5.25
N ILE A 21 -2.47 7.38 4.07
CA ILE A 21 -2.09 8.08 2.85
C ILE A 21 -2.91 9.36 2.68
N ASN A 22 -4.21 9.20 2.52
CA ASN A 22 -5.10 10.32 2.22
C ASN A 22 -5.20 11.33 3.35
N ASN A 23 -5.26 10.85 4.56
CA ASN A 23 -5.48 11.72 5.69
C ASN A 23 -4.21 12.12 6.43
N LYS A 24 -3.05 11.57 6.05
CA LYS A 24 -1.80 11.99 6.69
C LYS A 24 -0.76 12.47 5.70
N VAL A 25 -0.53 11.76 4.62
CA VAL A 25 0.46 12.22 3.67
C VAL A 25 -0.25 12.95 2.54
N LYS A 26 -0.33 14.26 2.68
CA LYS A 26 -1.09 15.09 1.77
C LYS A 26 -0.31 15.47 0.52
N ASP A 27 -1.04 15.64 -0.57
CA ASP A 27 -0.50 16.12 -1.83
C ASP A 27 -1.65 16.53 -2.74
N PRO A 28 -2.04 17.81 -2.70
CA PRO A 28 -3.20 18.31 -3.45
C PRO A 28 -2.91 18.62 -4.92
N ARG A 29 -1.92 17.96 -5.48
CA ARG A 29 -1.57 18.18 -6.87
C ARG A 29 -1.99 17.00 -7.73
N VAL A 30 -2.60 16.03 -7.11
CA VAL A 30 -3.05 14.84 -7.80
C VAL A 30 -4.52 14.57 -7.44
N GLY A 31 -5.19 13.70 -8.20
CA GLY A 31 -6.57 13.39 -7.91
C GLY A 31 -6.70 12.44 -6.75
N PHE A 32 -7.93 12.01 -6.47
CA PHE A 32 -8.20 11.09 -5.38
C PHE A 32 -7.31 9.84 -5.47
N ILE A 33 -6.70 9.47 -4.35
CA ILE A 33 -5.89 8.28 -4.27
C ILE A 33 -6.71 7.22 -3.56
N THR A 34 -7.07 6.17 -4.25
CA THR A 34 -7.96 5.20 -3.67
C THR A 34 -7.37 3.82 -3.64
N ILE A 35 -7.62 3.11 -2.55
CA ILE A 35 -7.20 1.74 -2.40
C ILE A 35 -8.25 0.87 -3.09
N THR A 36 -7.82 0.07 -4.03
CA THR A 36 -8.75 -0.72 -4.76
C THR A 36 -8.66 -2.16 -4.31
N ASP A 37 -7.44 -2.63 -4.12
CA ASP A 37 -7.23 -3.98 -3.69
C ASP A 37 -5.99 -4.09 -2.89
N VAL A 38 -6.14 -4.14 -1.62
CA VAL A 38 -5.04 -4.38 -0.83
C VAL A 38 -5.26 -5.76 -0.25
N VAL A 39 -4.49 -6.66 -0.72
CA VAL A 39 -4.70 -8.02 -0.43
C VAL A 39 -3.56 -8.61 0.31
N LEU A 40 -3.87 -9.58 1.12
CA LEU A 40 -2.87 -10.26 1.85
C LEU A 40 -2.48 -11.51 1.08
N THR A 41 -1.19 -11.70 0.87
CA THR A 41 -0.69 -12.86 0.16
C THR A 41 -1.05 -14.16 0.88
N ASN A 42 -0.93 -15.28 0.16
CA ASN A 42 -1.19 -16.60 0.74
C ASN A 42 -0.27 -16.88 1.92
N ASP A 43 0.85 -16.17 1.97
CA ASP A 43 1.82 -16.27 3.07
C ASP A 43 1.23 -15.62 4.32
N LEU A 44 0.16 -14.84 4.14
CA LEU A 44 -0.56 -14.18 5.22
C LEU A 44 0.30 -13.11 5.88
N SER A 45 1.30 -12.62 5.19
CA SER A 45 2.16 -11.63 5.76
C SER A 45 2.36 -10.46 4.82
N GLN A 46 1.87 -10.55 3.58
CA GLN A 46 2.06 -9.44 2.67
C GLN A 46 0.75 -8.75 2.29
N ALA A 47 0.72 -7.46 2.50
CA ALA A 47 -0.46 -6.63 2.20
C ALA A 47 -0.13 -5.76 1.03
N LYS A 48 -0.63 -6.13 -0.12
CA LYS A 48 -0.29 -5.41 -1.29
C LYS A 48 -1.37 -4.50 -1.69
N VAL A 49 -1.04 -3.26 -1.64
CA VAL A 49 -1.93 -2.20 -1.83
C VAL A 49 -2.03 -1.78 -3.27
N PHE A 50 -3.18 -2.03 -3.84
CA PHE A 50 -3.48 -1.62 -5.20
C PHE A 50 -4.11 -0.22 -5.16
N LEU A 51 -3.44 0.79 -5.73
CA LEU A 51 -3.99 2.15 -5.70
C LEU A 51 -4.39 2.66 -7.08
N THR A 52 -5.41 3.50 -7.08
CA THR A 52 -5.83 4.20 -8.27
C THR A 52 -5.76 5.68 -7.95
N VAL A 53 -5.30 6.47 -8.89
CA VAL A 53 -5.15 7.89 -8.65
C VAL A 53 -5.16 8.66 -9.98
N LEU A 54 -5.79 9.82 -9.97
CA LEU A 54 -5.89 10.63 -11.18
C LEU A 54 -4.67 11.48 -11.35
N GLY A 55 -3.71 10.93 -12.02
CA GLY A 55 -2.49 11.65 -12.29
C GLY A 55 -1.58 10.91 -13.23
N ASN A 56 -0.42 11.49 -13.49
CA ASN A 56 0.61 10.88 -14.33
C ASN A 56 1.05 9.58 -13.76
N ASP A 57 1.62 8.74 -14.58
CA ASP A 57 2.18 7.51 -14.07
C ASP A 57 3.29 7.88 -13.13
N LYS A 58 3.88 9.03 -13.41
CA LYS A 58 4.92 9.58 -12.60
C LYS A 58 4.31 10.26 -11.41
N GLU A 59 3.03 10.67 -11.52
CA GLU A 59 2.34 11.22 -10.37
C GLU A 59 1.93 10.09 -9.45
N VAL A 60 1.57 8.99 -10.08
CA VAL A 60 1.28 7.75 -9.40
C VAL A 60 2.52 7.32 -8.65
N GLU A 61 3.63 7.39 -9.36
CA GLU A 61 4.91 7.02 -8.79
C GLU A 61 5.31 8.04 -7.77
N ASN A 62 4.87 9.28 -7.97
CA ASN A 62 5.16 10.37 -7.04
C ASN A 62 4.48 10.10 -5.72
N THR A 63 3.30 9.48 -5.80
CA THR A 63 2.58 9.08 -4.61
C THR A 63 3.36 7.96 -3.95
N PHE A 64 3.84 7.03 -4.77
CA PHE A 64 4.69 5.95 -4.30
C PHE A 64 6.00 6.53 -3.78
N LYS A 65 6.49 7.60 -4.39
CA LYS A 65 7.67 8.26 -3.86
C LYS A 65 7.35 8.83 -2.52
N ALA A 66 6.24 9.52 -2.41
CA ALA A 66 5.83 10.10 -1.11
C ALA A 66 5.78 9.02 -0.02
N LEU A 67 5.29 7.82 -0.36
CA LEU A 67 5.22 6.75 0.61
C LEU A 67 6.59 6.10 0.83
N ASP A 68 7.32 5.86 -0.27
CA ASP A 68 8.69 5.32 -0.19
C ASP A 68 9.75 6.36 0.27
N LYS A 69 9.47 7.64 0.11
CA LYS A 69 10.40 8.68 0.57
C LYS A 69 10.21 8.93 2.06
N ALA A 70 8.96 9.03 2.48
CA ALA A 70 8.63 9.24 3.89
C ALA A 70 8.34 7.89 4.51
N LYS A 71 8.98 6.91 3.90
CA LYS A 71 8.79 5.51 4.20
C LYS A 71 8.57 5.17 5.65
N GLY A 72 9.60 5.24 6.46
CA GLY A 72 9.48 4.79 7.83
C GLY A 72 8.36 5.46 8.58
N PHE A 73 7.99 6.66 8.21
CA PHE A 73 6.88 7.33 8.85
C PHE A 73 5.57 6.69 8.41
N ILE A 74 5.39 6.53 7.10
CA ILE A 74 4.20 5.87 6.58
C ILE A 74 4.22 4.38 7.01
N LYS A 75 5.42 3.88 7.17
CA LYS A 75 5.72 2.49 7.48
C LYS A 75 5.55 2.21 8.93
N SER A 76 5.79 3.20 9.73
CA SER A 76 5.62 3.08 11.16
C SER A 76 4.17 3.29 11.49
N GLU A 77 3.54 4.16 10.74
CA GLU A 77 2.14 4.41 10.92
C GLU A 77 1.36 3.16 10.50
N LEU A 78 1.82 2.54 9.41
CA LEU A 78 1.27 1.27 8.96
C LEU A 78 1.74 0.15 9.89
N GLY A 79 3.00 0.25 10.32
CA GLY A 79 3.56 -0.71 11.26
C GLY A 79 2.92 -0.64 12.64
N SER A 80 2.20 0.44 12.89
CA SER A 80 1.55 0.65 14.16
C SER A 80 0.26 -0.16 14.22
N ARG A 81 -0.31 -0.45 13.07
CA ARG A 81 -1.52 -1.23 13.02
C ARG A 81 -1.19 -2.70 13.20
N MET A 82 -1.68 -3.26 14.32
CA MET A 82 -1.40 -4.63 14.70
C MET A 82 0.07 -4.73 15.11
N ARG A 83 0.52 -3.68 15.81
CA ARG A 83 1.90 -3.57 16.30
C ARG A 83 2.35 -4.83 17.02
N LEU A 84 3.11 -5.66 16.32
CA LEU A 84 3.65 -6.91 16.84
C LEU A 84 4.90 -7.24 16.05
N ARG A 85 5.46 -8.43 16.28
CA ARG A 85 6.62 -8.86 15.51
C ARG A 85 6.15 -9.38 14.16
N ILE A 86 4.97 -9.96 14.15
CA ILE A 86 4.35 -10.43 12.94
C ILE A 86 3.33 -9.39 12.48
N MET A 87 3.57 -8.80 11.34
CA MET A 87 2.68 -7.77 10.81
C MET A 87 2.69 -7.80 9.29
N PRO A 88 1.53 -7.50 8.66
CA PRO A 88 1.42 -7.47 7.20
C PRO A 88 2.36 -6.44 6.57
N GLU A 89 3.06 -6.87 5.54
CA GLU A 89 4.02 -6.05 4.85
C GLU A 89 3.38 -5.29 3.72
N LEU A 90 3.53 -3.99 3.75
CA LEU A 90 2.91 -3.14 2.77
C LEU A 90 3.64 -3.15 1.45
N MET A 91 2.90 -3.43 0.40
CA MET A 91 3.43 -3.38 -0.95
C MET A 91 2.64 -2.35 -1.75
N TYR A 92 3.28 -1.25 -2.06
CA TYR A 92 2.63 -0.12 -2.72
C TYR A 92 2.63 -0.31 -4.25
N GLU A 93 1.48 -0.74 -4.78
CA GLU A 93 1.36 -1.02 -6.19
C GLU A 93 0.28 -0.19 -6.86
N TYR A 94 0.30 -0.23 -8.18
CA TYR A 94 -0.66 0.45 -9.03
C TYR A 94 -1.73 -0.56 -9.41
N ASP A 95 -2.99 -0.16 -9.33
CA ASP A 95 -4.08 -1.09 -9.63
C ASP A 95 -3.95 -1.70 -11.03
N GLN A 96 -3.98 -3.01 -11.08
CA GLN A 96 -3.89 -3.75 -12.33
C GLN A 96 -5.23 -4.41 -12.64
N SER A 97 -6.22 -4.13 -11.83
CA SER A 97 -7.53 -4.75 -11.96
C SER A 97 -8.44 -3.93 -12.87
N ILE A 98 -8.70 -2.70 -12.48
CA ILE A 98 -9.58 -1.82 -13.20
C ILE A 98 -8.81 -0.70 -13.88
N GLU A 99 -7.67 -0.39 -13.30
CA GLU A 99 -6.80 0.64 -13.81
C GLU A 99 -5.99 0.08 -14.98
N TYR A 100 -5.22 0.93 -15.64
CA TYR A 100 -4.38 0.49 -16.74
C TYR A 100 -3.26 -0.42 -16.19
N GLY A 101 -2.91 -1.45 -16.94
CA GLY A 101 -1.90 -2.38 -16.47
C GLY A 101 -0.49 -1.90 -16.71
N ASN A 102 -0.16 -0.74 -16.16
CA ASN A 102 1.18 -0.21 -16.29
C ASN A 102 2.09 -0.83 -15.23
N LYS A 103 2.81 -1.85 -15.64
CA LYS A 103 3.72 -2.60 -14.79
C LYS A 103 5.17 -2.22 -15.05
N ILE A 104 5.40 -1.04 -15.66
CA ILE A 104 6.74 -0.61 -16.12
C ILE A 104 7.87 -1.02 -15.14
N GLU A 105 7.85 -0.53 -13.90
CA GLU A 105 8.87 -0.93 -12.93
C GLU A 105 8.62 -0.37 -11.54
N ARG A 106 8.42 -1.27 -10.60
CA ARG A 106 8.26 -0.95 -9.19
C ARG A 106 8.80 -2.11 -8.37
N MET A 107 10.00 -1.93 -7.85
CA MET A 107 10.69 -2.96 -7.08
C MET A 107 9.88 -3.42 -5.88
N ILE A 108 9.86 -4.75 -5.68
CA ILE A 108 9.25 -5.31 -4.49
C ILE A 108 10.02 -4.81 -3.30
N GLN A 109 9.40 -3.92 -2.61
CA GLN A 109 10.03 -3.17 -1.60
C GLN A 109 8.96 -2.72 -0.70
N ASP A 110 9.31 -1.97 0.35
CA ASP A 110 8.32 -1.26 1.14
C ASP A 110 7.80 -2.08 2.28
N LEU A 111 8.11 -3.34 2.24
CA LEU A 111 7.79 -4.27 3.29
C LEU A 111 8.44 -3.81 4.59
N HIS A 112 7.67 -3.17 5.47
CA HIS A 112 8.24 -2.64 6.70
C HIS A 112 8.67 -3.75 7.65
N LYS A 113 8.11 -4.91 7.45
CA LYS A 113 8.48 -6.08 8.31
C LYS A 113 9.84 -6.68 7.90
N GLN A 114 10.03 -6.91 6.61
CA GLN A 114 11.24 -7.56 6.12
C GLN A 114 12.17 -6.61 5.34
N ASP A 115 11.64 -5.99 4.28
CA ASP A 115 12.48 -5.20 3.36
C ASP A 115 13.01 -3.90 3.95
N ARG A 116 12.26 -3.28 4.84
CA ARG A 116 12.69 -2.00 5.41
C ARG A 116 12.14 -1.81 6.81
N VAL A 117 12.99 -2.06 7.80
CA VAL A 117 12.60 -1.94 9.20
C VAL A 117 13.02 -0.61 9.80
N GLU A 118 14.33 -0.42 9.98
CA GLU A 118 14.87 0.77 10.64
C GLU A 118 14.25 0.95 12.03
N GLY A 1 -9.89 -7.50 -5.35
CA GLY A 1 -10.43 -8.71 -4.67
C GLY A 1 -9.34 -9.71 -4.36
N SER A 2 -9.61 -10.60 -3.43
CA SER A 2 -8.66 -11.63 -3.04
C SER A 2 -9.38 -12.73 -2.26
N SER A 3 -8.62 -13.54 -1.55
CA SER A 3 -9.19 -14.63 -0.73
C SER A 3 -9.77 -14.04 0.56
N MET A 4 -10.81 -14.67 1.09
CA MET A 4 -11.54 -14.16 2.27
C MET A 4 -10.63 -13.65 3.39
N ARG A 5 -9.65 -14.45 3.76
CA ARG A 5 -8.74 -14.07 4.84
C ARG A 5 -7.91 -12.84 4.46
N ALA A 6 -7.22 -12.94 3.34
CA ALA A 6 -6.35 -11.86 2.86
C ALA A 6 -7.15 -10.60 2.51
N GLU A 7 -8.34 -10.80 2.02
CA GLU A 7 -9.21 -9.72 1.62
C GLU A 7 -9.76 -8.97 2.82
N ARG A 8 -10.25 -9.72 3.80
CA ARG A 8 -10.82 -9.10 5.00
C ARG A 8 -9.74 -8.40 5.81
N VAL A 9 -8.65 -9.11 6.07
CA VAL A 9 -7.53 -8.51 6.82
C VAL A 9 -6.91 -7.40 5.99
N GLY A 10 -6.95 -7.58 4.68
CA GLY A 10 -6.43 -6.57 3.79
C GLY A 10 -7.39 -5.41 3.65
N GLU A 11 -8.65 -5.62 4.02
CA GLU A 11 -9.63 -4.59 3.94
C GLU A 11 -9.45 -3.68 5.10
N GLN A 12 -9.22 -4.29 6.25
CA GLN A 12 -8.98 -3.50 7.43
C GLN A 12 -7.61 -2.82 7.35
N MET A 13 -6.65 -3.53 6.77
CA MET A 13 -5.35 -2.94 6.50
C MET A 13 -5.54 -1.81 5.54
N LYS A 14 -6.46 -2.01 4.60
CA LYS A 14 -6.76 -1.01 3.59
C LYS A 14 -7.35 0.22 4.24
N LYS A 15 -8.05 0.02 5.35
CA LYS A 15 -8.62 1.12 6.10
C LYS A 15 -7.50 1.93 6.75
N GLU A 16 -6.59 1.25 7.43
CA GLU A 16 -5.47 1.96 8.07
C GLU A 16 -4.51 2.51 7.02
N LEU A 17 -4.37 1.80 5.91
CA LEU A 17 -3.53 2.25 4.81
C LEU A 17 -4.22 3.41 4.06
N MET A 18 -5.54 3.42 4.12
CA MET A 18 -6.35 4.50 3.54
C MET A 18 -6.06 5.76 4.27
N ASP A 19 -6.21 5.64 5.57
CA ASP A 19 -6.03 6.75 6.43
C ASP A 19 -4.60 7.24 6.40
N ILE A 20 -3.66 6.31 6.36
CA ILE A 20 -2.27 6.67 6.32
C ILE A 20 -1.97 7.51 5.05
N ILE A 21 -2.34 7.02 3.89
CA ILE A 21 -2.06 7.75 2.67
C ILE A 21 -2.84 9.07 2.62
N ASN A 22 -4.15 8.98 2.64
CA ASN A 22 -5.02 10.13 2.44
C ASN A 22 -4.99 11.11 3.59
N ASN A 23 -5.04 10.61 4.79
CA ASN A 23 -5.15 11.47 5.95
C ASN A 23 -3.81 11.75 6.61
N LYS A 24 -2.78 10.98 6.27
CA LYS A 24 -1.50 11.19 6.92
C LYS A 24 -0.43 11.70 5.95
N VAL A 25 -0.29 11.09 4.77
CA VAL A 25 0.69 11.61 3.83
C VAL A 25 -0.01 12.24 2.64
N LYS A 26 -0.22 13.54 2.75
CA LYS A 26 -0.94 14.28 1.72
C LYS A 26 -0.04 14.69 0.58
N ASP A 27 -0.58 14.65 -0.62
CA ASP A 27 0.13 15.12 -1.81
C ASP A 27 -0.90 15.58 -2.83
N PRO A 28 -1.18 16.88 -2.87
CA PRO A 28 -2.22 17.44 -3.72
C PRO A 28 -1.76 17.81 -5.13
N ARG A 29 -0.65 17.24 -5.59
CA ARG A 29 -0.18 17.53 -6.95
C ARG A 29 -0.92 16.65 -7.93
N VAL A 30 -1.48 15.58 -7.43
CA VAL A 30 -2.17 14.59 -8.23
C VAL A 30 -3.61 14.43 -7.71
N GLY A 31 -4.47 13.74 -8.49
CA GLY A 31 -5.84 13.53 -8.09
C GLY A 31 -5.97 12.72 -6.81
N PHE A 32 -7.19 12.42 -6.43
CA PHE A 32 -7.46 11.65 -5.22
C PHE A 32 -6.75 10.30 -5.26
N ILE A 33 -6.31 9.83 -4.10
CA ILE A 33 -5.62 8.57 -3.99
C ILE A 33 -6.61 7.54 -3.49
N THR A 34 -6.95 6.59 -4.32
CA THR A 34 -7.95 5.63 -3.96
C THR A 34 -7.35 4.28 -3.62
N ILE A 35 -7.57 3.83 -2.41
CA ILE A 35 -7.17 2.51 -2.00
C ILE A 35 -8.20 1.53 -2.49
N THR A 36 -7.81 0.65 -3.35
CA THR A 36 -8.74 -0.25 -3.91
C THR A 36 -8.62 -1.60 -3.26
N ASP A 37 -7.39 -2.04 -3.04
CA ASP A 37 -7.18 -3.33 -2.41
C ASP A 37 -5.92 -3.39 -1.59
N VAL A 38 -5.93 -4.35 -0.70
CA VAL A 38 -4.77 -4.78 0.01
C VAL A 38 -4.78 -6.21 -0.08
N VAL A 39 -3.90 -6.70 -0.83
CA VAL A 39 -3.91 -8.06 -1.01
C VAL A 39 -2.75 -8.68 -0.33
N LEU A 40 -3.06 -9.34 0.72
CA LEU A 40 -2.07 -10.10 1.41
C LEU A 40 -1.69 -11.31 0.56
N THR A 41 -0.40 -11.46 0.30
CA THR A 41 0.09 -12.60 -0.45
C THR A 41 -0.23 -13.91 0.31
N ASN A 42 -0.14 -15.05 -0.37
CA ASN A 42 -0.46 -16.36 0.23
C ASN A 42 0.27 -16.62 1.54
N ASP A 43 1.39 -15.92 1.76
CA ASP A 43 2.15 -16.08 3.00
C ASP A 43 1.48 -15.33 4.15
N LEU A 44 0.43 -14.56 3.79
CA LEU A 44 -0.36 -13.77 4.76
C LEU A 44 0.50 -12.77 5.51
N SER A 45 1.60 -12.38 4.91
CA SER A 45 2.49 -11.45 5.54
C SER A 45 2.87 -10.35 4.56
N GLN A 46 2.22 -10.29 3.41
CA GLN A 46 2.56 -9.28 2.45
C GLN A 46 1.35 -8.47 2.04
N ALA A 47 1.36 -7.18 2.34
CA ALA A 47 0.23 -6.32 2.08
C ALA A 47 0.49 -5.45 0.88
N LYS A 48 -0.06 -5.85 -0.23
CA LYS A 48 0.12 -5.09 -1.43
C LYS A 48 -1.01 -4.11 -1.56
N VAL A 49 -0.66 -2.86 -1.44
CA VAL A 49 -1.60 -1.79 -1.53
C VAL A 49 -1.85 -1.45 -2.98
N PHE A 50 -3.06 -1.70 -3.38
CA PHE A 50 -3.50 -1.42 -4.71
C PHE A 50 -4.12 -0.03 -4.75
N LEU A 51 -3.52 0.90 -5.50
CA LEU A 51 -4.05 2.26 -5.56
C LEU A 51 -4.59 2.61 -6.93
N THR A 52 -5.46 3.58 -6.93
CA THR A 52 -6.01 4.16 -8.11
C THR A 52 -6.03 5.67 -7.94
N VAL A 53 -5.08 6.35 -8.56
CA VAL A 53 -4.95 7.77 -8.44
C VAL A 53 -5.12 8.42 -9.82
N LEU A 54 -5.68 9.62 -9.84
CA LEU A 54 -5.92 10.32 -11.09
C LEU A 54 -4.70 11.07 -11.52
N GLY A 55 -3.86 10.38 -12.22
CA GLY A 55 -2.65 10.99 -12.70
C GLY A 55 -1.87 10.12 -13.66
N ASN A 56 -0.70 10.61 -14.03
CA ASN A 56 0.23 9.93 -14.91
C ASN A 56 0.77 8.68 -14.31
N ASP A 57 1.37 7.84 -15.14
CA ASP A 57 2.05 6.64 -14.65
C ASP A 57 3.11 7.10 -13.70
N LYS A 58 3.61 8.30 -14.00
CA LYS A 58 4.63 8.94 -13.24
C LYS A 58 4.01 9.63 -12.06
N GLU A 59 2.74 10.02 -12.17
CA GLU A 59 2.07 10.61 -11.01
C GLU A 59 1.77 9.50 -10.03
N VAL A 60 1.43 8.35 -10.59
CA VAL A 60 1.25 7.13 -9.84
C VAL A 60 2.57 6.82 -9.15
N GLU A 61 3.66 7.02 -9.89
CA GLU A 61 4.98 6.83 -9.33
C GLU A 61 5.17 7.80 -8.20
N ASN A 62 4.89 9.07 -8.47
CA ASN A 62 5.05 10.14 -7.48
C ASN A 62 4.34 9.83 -6.17
N THR A 63 3.12 9.26 -6.25
CA THR A 63 2.42 8.86 -5.04
C THR A 63 3.18 7.72 -4.36
N PHE A 64 3.62 6.77 -5.18
CA PHE A 64 4.45 5.67 -4.70
C PHE A 64 5.72 6.23 -4.07
N LYS A 65 6.36 7.23 -4.72
CA LYS A 65 7.54 7.86 -4.17
C LYS A 65 7.24 8.53 -2.85
N ALA A 66 6.08 9.17 -2.74
CA ALA A 66 5.68 9.82 -1.47
C ALA A 66 5.53 8.78 -0.38
N LEU A 67 4.99 7.62 -0.72
CA LEU A 67 4.81 6.57 0.24
C LEU A 67 6.17 6.00 0.62
N ASP A 68 6.97 5.70 -0.39
CA ASP A 68 8.36 5.25 -0.19
C ASP A 68 9.20 6.32 0.54
N LYS A 69 9.03 7.58 0.18
CA LYS A 69 9.78 8.67 0.82
C LYS A 69 9.45 8.78 2.30
N ALA A 70 8.19 8.68 2.62
CA ALA A 70 7.71 8.88 3.97
C ALA A 70 7.53 7.56 4.64
N LYS A 71 8.33 6.60 4.20
CA LYS A 71 8.26 5.26 4.71
C LYS A 71 8.16 5.15 6.21
N GLY A 72 8.98 5.85 6.98
CA GLY A 72 8.88 5.68 8.43
C GLY A 72 7.64 6.28 9.03
N PHE A 73 7.10 7.29 8.38
CA PHE A 73 5.84 7.84 8.82
C PHE A 73 4.77 6.78 8.56
N ILE A 74 4.87 6.14 7.39
CA ILE A 74 3.96 5.07 7.07
C ILE A 74 4.27 3.86 8.00
N LYS A 75 5.57 3.69 8.34
CA LYS A 75 6.07 2.62 9.22
C LYS A 75 5.45 2.69 10.57
N SER A 76 5.41 3.87 11.10
CA SER A 76 4.96 4.07 12.45
C SER A 76 3.47 4.14 12.52
N GLU A 77 2.86 4.79 11.55
CA GLU A 77 1.42 4.88 11.54
C GLU A 77 0.82 3.50 11.29
N LEU A 78 1.46 2.74 10.40
CA LEU A 78 1.05 1.38 10.14
C LEU A 78 1.58 0.47 11.23
N GLY A 79 2.66 0.89 11.88
CA GLY A 79 3.17 0.15 13.02
C GLY A 79 2.21 0.19 14.20
N SER A 80 1.54 1.32 14.36
CA SER A 80 0.60 1.55 15.45
C SER A 80 -0.83 1.13 15.07
N ARG A 81 -1.03 0.63 13.84
CA ARG A 81 -2.36 0.27 13.32
C ARG A 81 -3.19 -0.59 14.30
N MET A 82 -2.49 -1.36 15.18
CA MET A 82 -3.11 -2.24 16.20
C MET A 82 -4.29 -3.08 15.65
N ARG A 83 -4.24 -3.37 14.38
CA ARG A 83 -5.29 -4.14 13.76
C ARG A 83 -4.90 -5.60 13.71
N LEU A 84 -5.38 -6.35 14.70
CA LEU A 84 -5.10 -7.79 14.82
C LEU A 84 -3.63 -8.02 15.17
N ARG A 85 -3.24 -9.28 15.16
CA ARG A 85 -1.88 -9.66 15.47
C ARG A 85 -1.05 -9.67 14.20
N ILE A 86 -1.74 -9.69 13.07
CA ILE A 86 -1.11 -9.72 11.77
C ILE A 86 -0.24 -8.48 11.55
N MET A 87 1.06 -8.70 11.45
CA MET A 87 1.99 -7.64 11.17
C MET A 87 2.73 -7.96 9.88
N PRO A 88 2.15 -7.56 8.74
CA PRO A 88 2.68 -7.89 7.43
C PRO A 88 3.55 -6.80 6.83
N GLU A 89 4.28 -7.19 5.80
CA GLU A 89 5.09 -6.30 5.04
C GLU A 89 4.18 -5.45 4.15
N LEU A 90 4.72 -4.46 3.48
CA LEU A 90 3.89 -3.56 2.69
C LEU A 90 4.43 -3.43 1.28
N MET A 91 3.52 -3.23 0.32
CA MET A 91 3.88 -2.98 -1.06
C MET A 91 2.98 -1.91 -1.65
N TYR A 92 3.54 -1.04 -2.48
CA TYR A 92 2.77 0.04 -3.10
C TYR A 92 2.64 -0.20 -4.60
N GLU A 93 1.47 -0.65 -5.04
CA GLU A 93 1.27 -1.03 -6.43
C GLU A 93 -0.03 -0.43 -7.00
N TYR A 94 -0.13 -0.44 -8.31
CA TYR A 94 -1.31 0.06 -8.99
C TYR A 94 -2.37 -1.04 -9.04
N ASP A 95 -3.64 -0.65 -8.85
CA ASP A 95 -4.75 -1.62 -8.83
C ASP A 95 -4.83 -2.44 -10.09
N GLN A 96 -4.85 -3.75 -9.93
CA GLN A 96 -5.05 -4.68 -11.02
C GLN A 96 -6.39 -5.40 -10.87
N SER A 97 -7.16 -5.00 -9.87
CA SER A 97 -8.43 -5.63 -9.55
C SER A 97 -9.56 -5.11 -10.44
N ILE A 98 -9.82 -3.82 -10.37
CA ILE A 98 -10.87 -3.23 -11.16
C ILE A 98 -10.30 -2.69 -12.44
N GLU A 99 -9.00 -2.48 -12.42
CA GLU A 99 -8.26 -2.10 -13.59
C GLU A 99 -8.01 -3.37 -14.42
N TYR A 100 -7.30 -3.24 -15.52
CA TYR A 100 -6.93 -4.40 -16.33
C TYR A 100 -6.03 -5.37 -15.51
N GLY A 101 -6.29 -6.67 -15.61
CA GLY A 101 -5.51 -7.65 -14.85
C GLY A 101 -4.18 -7.93 -15.51
N ASN A 102 -3.26 -6.99 -15.42
CA ASN A 102 -1.94 -7.14 -16.01
C ASN A 102 -0.90 -7.53 -14.95
N LYS A 103 0.31 -7.82 -15.40
CA LYS A 103 1.42 -8.23 -14.53
C LYS A 103 2.20 -7.02 -14.02
N ILE A 104 1.56 -5.83 -14.05
CA ILE A 104 2.17 -4.54 -13.67
C ILE A 104 3.09 -4.60 -12.43
N GLU A 105 2.79 -5.53 -11.48
CA GLU A 105 3.61 -5.72 -10.25
C GLU A 105 5.10 -5.52 -10.56
N ARG A 106 5.66 -4.46 -10.03
CA ARG A 106 7.02 -4.07 -10.37
C ARG A 106 8.03 -4.30 -9.24
N MET A 107 8.11 -3.38 -8.30
CA MET A 107 9.15 -3.43 -7.27
C MET A 107 8.65 -3.98 -5.97
N ILE A 108 9.27 -5.07 -5.52
CA ILE A 108 8.97 -5.60 -4.21
C ILE A 108 9.80 -4.80 -3.25
N GLN A 109 9.16 -3.83 -2.69
CA GLN A 109 9.75 -2.84 -1.87
C GLN A 109 8.62 -2.26 -1.11
N ASP A 110 8.87 -1.18 -0.34
CA ASP A 110 7.78 -0.44 0.33
C ASP A 110 7.47 -1.04 1.66
N LEU A 111 8.16 -2.10 1.95
CA LEU A 111 8.01 -2.82 3.17
C LEU A 111 8.27 -1.92 4.37
N HIS A 112 7.23 -1.54 5.10
CA HIS A 112 7.44 -0.72 6.28
C HIS A 112 7.99 -1.60 7.42
N LYS A 113 7.92 -2.90 7.19
CA LYS A 113 8.40 -3.92 8.18
C LYS A 113 9.87 -4.28 7.89
N GLN A 114 10.42 -3.64 6.85
CA GLN A 114 11.80 -3.89 6.40
C GLN A 114 12.81 -3.24 7.37
N ASP A 115 12.33 -2.91 8.57
CA ASP A 115 13.15 -2.29 9.59
C ASP A 115 14.28 -3.23 10.02
N ARG A 116 14.02 -4.53 9.94
CA ARG A 116 14.98 -5.54 10.33
C ARG A 116 16.09 -5.65 9.27
N VAL A 117 15.80 -6.33 8.16
CA VAL A 117 16.79 -6.47 7.07
C VAL A 117 16.12 -6.17 5.74
N GLU A 118 15.44 -7.17 5.19
CA GLU A 118 14.74 -7.02 3.94
C GLU A 118 13.29 -7.43 4.13
N GLY A 1 -14.78 -15.59 -3.15
CA GLY A 1 -13.83 -14.76 -3.91
C GLY A 1 -12.41 -14.88 -3.40
N SER A 2 -11.98 -13.88 -2.66
CA SER A 2 -10.64 -13.88 -2.10
C SER A 2 -10.57 -14.80 -0.87
N SER A 3 -9.38 -15.00 -0.37
CA SER A 3 -9.19 -15.81 0.84
C SER A 3 -9.64 -15.01 2.04
N MET A 4 -10.45 -15.61 2.89
CA MET A 4 -11.01 -14.95 4.08
C MET A 4 -9.93 -14.27 4.91
N ARG A 5 -8.87 -15.02 5.21
CA ARG A 5 -7.76 -14.51 6.01
C ARG A 5 -7.10 -13.31 5.31
N ALA A 6 -6.92 -13.45 4.01
CA ALA A 6 -6.29 -12.42 3.19
C ALA A 6 -7.15 -11.17 3.14
N GLU A 7 -8.42 -11.36 2.83
CA GLU A 7 -9.35 -10.25 2.74
C GLU A 7 -9.46 -9.54 4.08
N ARG A 8 -9.52 -10.31 5.14
CA ARG A 8 -9.63 -9.76 6.49
C ARG A 8 -8.43 -8.86 6.83
N VAL A 9 -7.23 -9.45 6.86
CA VAL A 9 -6.01 -8.71 7.28
C VAL A 9 -5.59 -7.69 6.22
N GLY A 10 -5.76 -8.05 4.97
CA GLY A 10 -5.36 -7.18 3.91
C GLY A 10 -6.24 -5.96 3.83
N GLU A 11 -7.54 -6.15 3.86
CA GLU A 11 -8.45 -5.07 3.63
C GLU A 11 -8.55 -4.24 4.88
N GLN A 12 -8.29 -4.85 6.04
CA GLN A 12 -8.22 -4.04 7.20
C GLN A 12 -7.04 -3.09 7.03
N MET A 13 -5.97 -3.63 6.44
CA MET A 13 -4.83 -2.82 6.08
C MET A 13 -5.21 -1.84 4.99
N LYS A 14 -6.30 -2.14 4.26
CA LYS A 14 -6.84 -1.23 3.23
C LYS A 14 -7.37 0.01 3.89
N LYS A 15 -8.08 -0.19 4.98
CA LYS A 15 -8.65 0.91 5.71
C LYS A 15 -7.57 1.69 6.40
N GLU A 16 -6.59 0.98 6.93
CA GLU A 16 -5.49 1.63 7.58
C GLU A 16 -4.61 2.30 6.54
N LEU A 17 -4.54 1.70 5.35
CA LEU A 17 -3.76 2.29 4.27
C LEU A 17 -4.51 3.52 3.74
N MET A 18 -5.83 3.42 3.74
CA MET A 18 -6.69 4.54 3.34
C MET A 18 -6.35 5.73 4.16
N ASP A 19 -6.41 5.52 5.45
CA ASP A 19 -6.19 6.57 6.40
C ASP A 19 -4.78 7.11 6.32
N ILE A 20 -3.80 6.23 6.26
CA ILE A 20 -2.43 6.67 6.23
C ILE A 20 -2.14 7.52 4.98
N ILE A 21 -2.49 7.03 3.81
CA ILE A 21 -2.18 7.80 2.63
C ILE A 21 -3.02 9.08 2.56
N ASN A 22 -4.34 8.93 2.60
CA ASN A 22 -5.25 10.07 2.44
C ASN A 22 -5.21 11.04 3.61
N ASN A 23 -5.20 10.51 4.81
CA ASN A 23 -5.28 11.35 6.00
C ASN A 23 -3.91 11.69 6.58
N LYS A 24 -2.89 10.91 6.24
CA LYS A 24 -1.57 11.18 6.81
C LYS A 24 -0.59 11.76 5.79
N VAL A 25 -0.44 11.13 4.61
CA VAL A 25 0.50 11.69 3.64
C VAL A 25 -0.25 12.26 2.44
N LYS A 26 -0.58 13.52 2.52
CA LYS A 26 -1.35 14.20 1.50
C LYS A 26 -0.48 14.73 0.37
N ASP A 27 -1.05 14.77 -0.83
CA ASP A 27 -0.41 15.36 -1.97
C ASP A 27 -1.47 16.02 -2.85
N PRO A 28 -1.56 17.35 -2.80
CA PRO A 28 -2.57 18.10 -3.55
C PRO A 28 -2.21 18.33 -5.02
N ARG A 29 -1.09 17.77 -5.45
CA ARG A 29 -0.62 17.95 -6.82
C ARG A 29 -1.13 16.85 -7.71
N VAL A 30 -1.81 15.88 -7.12
CA VAL A 30 -2.34 14.78 -7.87
C VAL A 30 -3.83 14.61 -7.55
N GLY A 31 -4.55 13.85 -8.37
CA GLY A 31 -5.96 13.63 -8.16
C GLY A 31 -6.26 12.75 -6.97
N PHE A 32 -7.52 12.41 -6.78
CA PHE A 32 -7.94 11.54 -5.69
C PHE A 32 -7.19 10.22 -5.73
N ILE A 33 -6.67 9.81 -4.58
CA ILE A 33 -5.95 8.55 -4.47
C ILE A 33 -6.86 7.52 -3.82
N THR A 34 -7.08 6.41 -4.48
CA THR A 34 -8.00 5.44 -3.96
C THR A 34 -7.35 4.08 -3.77
N ILE A 35 -7.43 3.57 -2.54
CA ILE A 35 -7.00 2.22 -2.25
C ILE A 35 -8.07 1.29 -2.80
N THR A 36 -7.69 0.47 -3.73
CA THR A 36 -8.67 -0.33 -4.39
C THR A 36 -8.56 -1.77 -3.98
N ASP A 37 -7.36 -2.32 -4.07
CA ASP A 37 -7.17 -3.70 -3.76
C ASP A 37 -5.95 -3.89 -2.95
N VAL A 38 -6.10 -4.10 -1.71
CA VAL A 38 -5.00 -4.41 -0.94
C VAL A 38 -5.18 -5.86 -0.54
N VAL A 39 -4.39 -6.67 -1.11
CA VAL A 39 -4.55 -8.08 -0.97
C VAL A 39 -3.44 -8.66 -0.17
N LEU A 40 -3.77 -9.68 0.55
CA LEU A 40 -2.81 -10.35 1.35
C LEU A 40 -2.33 -11.59 0.60
N THR A 41 -1.02 -11.69 0.41
CA THR A 41 -0.44 -12.82 -0.30
C THR A 41 -0.63 -14.11 0.53
N ASN A 42 -0.47 -15.27 -0.10
CA ASN A 42 -0.62 -16.58 0.57
C ASN A 42 0.25 -16.70 1.82
N ASP A 43 1.31 -15.90 1.89
CA ASP A 43 2.19 -15.91 3.06
C ASP A 43 1.52 -15.25 4.25
N LEU A 44 0.33 -14.67 3.99
CA LEU A 44 -0.51 -13.97 4.98
C LEU A 44 0.25 -12.87 5.72
N SER A 45 1.33 -12.42 5.12
CA SER A 45 2.16 -11.43 5.74
C SER A 45 2.44 -10.32 4.74
N GLN A 46 1.72 -10.35 3.62
CA GLN A 46 1.91 -9.35 2.59
C GLN A 46 0.62 -8.66 2.22
N ALA A 47 0.59 -7.34 2.38
CA ALA A 47 -0.59 -6.54 2.09
C ALA A 47 -0.29 -5.65 0.93
N LYS A 48 -0.66 -6.07 -0.25
CA LYS A 48 -0.28 -5.35 -1.43
C LYS A 48 -1.34 -4.35 -1.78
N VAL A 49 -1.01 -3.10 -1.60
CA VAL A 49 -1.93 -2.05 -1.80
C VAL A 49 -2.00 -1.58 -3.24
N PHE A 50 -3.14 -1.79 -3.82
CA PHE A 50 -3.42 -1.36 -5.18
C PHE A 50 -4.05 0.05 -5.12
N LEU A 51 -3.42 1.03 -5.77
CA LEU A 51 -3.92 2.41 -5.73
C LEU A 51 -4.27 2.91 -7.12
N THR A 52 -5.30 3.69 -7.18
CA THR A 52 -5.65 4.38 -8.39
C THR A 52 -5.66 5.87 -8.09
N VAL A 53 -5.17 6.65 -9.00
CA VAL A 53 -5.09 8.07 -8.79
C VAL A 53 -5.16 8.79 -10.14
N LEU A 54 -5.68 10.00 -10.13
CA LEU A 54 -5.80 10.77 -11.37
C LEU A 54 -4.53 11.49 -11.65
N GLY A 55 -3.66 10.81 -12.31
CA GLY A 55 -2.40 11.38 -12.69
C GLY A 55 -1.61 10.48 -13.59
N ASN A 56 -0.40 10.90 -13.91
CA ASN A 56 0.54 10.13 -14.71
C ASN A 56 0.97 8.91 -14.00
N ASP A 57 1.52 7.97 -14.74
CA ASP A 57 2.10 6.79 -14.13
C ASP A 57 3.29 7.26 -13.32
N LYS A 58 3.80 8.40 -13.73
CA LYS A 58 4.88 9.07 -13.11
C LYS A 58 4.35 9.82 -11.91
N GLU A 59 3.09 10.25 -12.01
CA GLU A 59 2.46 10.91 -10.87
C GLU A 59 2.13 9.85 -9.83
N VAL A 60 1.73 8.68 -10.34
CA VAL A 60 1.50 7.50 -9.53
C VAL A 60 2.79 7.16 -8.82
N GLU A 61 3.88 7.34 -9.55
CA GLU A 61 5.18 7.13 -8.99
C GLU A 61 5.44 8.14 -7.92
N ASN A 62 5.17 9.40 -8.22
CA ASN A 62 5.39 10.50 -7.28
C ASN A 62 4.63 10.28 -5.98
N THR A 63 3.44 9.69 -6.04
CA THR A 63 2.72 9.36 -4.83
C THR A 63 3.43 8.20 -4.13
N PHE A 64 3.88 7.23 -4.92
CA PHE A 64 4.66 6.13 -4.39
C PHE A 64 5.96 6.67 -3.79
N LYS A 65 6.56 7.66 -4.46
CA LYS A 65 7.75 8.31 -3.94
C LYS A 65 7.44 8.97 -2.64
N ALA A 66 6.28 9.61 -2.53
CA ALA A 66 5.87 10.20 -1.27
C ALA A 66 5.80 9.13 -0.20
N LEU A 67 5.40 7.91 -0.59
CA LEU A 67 5.33 6.82 0.34
C LEU A 67 6.74 6.35 0.70
N ASP A 68 7.55 6.02 -0.29
CA ASP A 68 8.94 5.61 -0.01
C ASP A 68 9.79 6.76 0.60
N LYS A 69 9.48 8.01 0.27
CA LYS A 69 10.20 9.18 0.84
C LYS A 69 9.86 9.37 2.31
N ALA A 70 8.59 9.22 2.63
CA ALA A 70 8.10 9.39 4.00
C ALA A 70 8.17 8.06 4.69
N LYS A 71 9.10 7.26 4.20
CA LYS A 71 9.39 5.93 4.65
C LYS A 71 9.08 5.68 6.12
N GLY A 72 9.77 6.35 7.04
CA GLY A 72 9.56 6.07 8.47
C GLY A 72 8.18 6.44 8.97
N PHE A 73 7.57 7.41 8.34
CA PHE A 73 6.22 7.81 8.72
C PHE A 73 5.25 6.76 8.24
N ILE A 74 5.48 6.30 7.04
CA ILE A 74 4.73 5.21 6.46
C ILE A 74 4.97 3.97 7.35
N LYS A 75 6.26 3.75 7.60
CA LYS A 75 6.80 2.65 8.42
C LYS A 75 6.13 2.54 9.75
N SER A 76 5.93 3.65 10.39
CA SER A 76 5.40 3.63 11.73
C SER A 76 3.90 3.62 11.75
N GLU A 77 3.28 4.32 10.81
CA GLU A 77 1.84 4.31 10.77
C GLU A 77 1.35 2.92 10.36
N LEU A 78 1.94 2.40 9.29
CA LEU A 78 1.64 1.06 8.82
C LEU A 78 2.26 0.02 9.76
N GLY A 79 3.40 0.39 10.35
CA GLY A 79 4.09 -0.49 11.28
C GLY A 79 3.33 -0.73 12.58
N SER A 80 2.78 0.34 13.14
CA SER A 80 2.13 0.26 14.43
C SER A 80 0.65 -0.03 14.31
N ARG A 81 0.15 -0.05 13.11
CA ARG A 81 -1.26 -0.24 12.90
C ARG A 81 -1.59 -1.68 12.58
N MET A 82 -2.46 -2.27 13.40
CA MET A 82 -2.95 -3.64 13.21
C MET A 82 -1.80 -4.65 13.14
N ARG A 83 -0.73 -4.37 13.87
CA ARG A 83 0.40 -5.27 13.90
C ARG A 83 0.11 -6.50 14.75
N LEU A 84 -0.12 -7.61 14.08
CA LEU A 84 -0.36 -8.87 14.75
C LEU A 84 0.96 -9.58 15.04
N ARG A 85 0.88 -10.88 15.31
CA ARG A 85 2.08 -11.68 15.59
C ARG A 85 2.88 -11.91 14.30
N ILE A 86 2.28 -11.53 13.18
CA ILE A 86 2.92 -11.65 11.88
C ILE A 86 3.62 -10.34 11.54
N MET A 87 4.23 -10.29 10.37
CA MET A 87 4.89 -9.08 9.91
C MET A 87 4.23 -8.59 8.63
N PRO A 88 3.13 -7.83 8.75
CA PRO A 88 2.37 -7.36 7.59
C PRO A 88 3.19 -6.42 6.72
N GLU A 89 3.61 -6.92 5.58
CA GLU A 89 4.38 -6.16 4.64
C GLU A 89 3.46 -5.52 3.62
N LEU A 90 3.19 -4.24 3.80
CA LEU A 90 2.33 -3.52 2.88
C LEU A 90 3.11 -3.07 1.66
N MET A 91 2.52 -3.25 0.50
CA MET A 91 3.13 -2.94 -0.77
C MET A 91 2.47 -1.72 -1.37
N TYR A 92 3.18 -1.01 -2.21
CA TYR A 92 2.62 0.15 -2.86
C TYR A 92 2.60 -0.10 -4.37
N GLU A 93 1.43 -0.50 -4.87
CA GLU A 93 1.27 -0.91 -6.25
C GLU A 93 0.16 -0.10 -6.94
N TYR A 94 0.22 -0.06 -8.26
CA TYR A 94 -0.79 0.61 -9.05
C TYR A 94 -1.92 -0.37 -9.33
N ASP A 95 -3.15 0.13 -9.34
CA ASP A 95 -4.32 -0.72 -9.57
C ASP A 95 -4.27 -1.36 -10.95
N GLN A 96 -4.33 -2.69 -10.96
CA GLN A 96 -4.39 -3.44 -12.21
C GLN A 96 -5.77 -4.07 -12.36
N SER A 97 -6.67 -3.72 -11.45
CA SER A 97 -8.00 -4.30 -11.41
C SER A 97 -8.99 -3.52 -12.28
N ILE A 98 -9.17 -2.25 -11.98
CA ILE A 98 -10.11 -1.43 -12.72
C ILE A 98 -9.38 -0.53 -13.69
N GLU A 99 -8.13 -0.25 -13.39
CA GLU A 99 -7.30 0.51 -14.29
C GLU A 99 -6.82 -0.38 -15.43
N TYR A 100 -5.96 0.15 -16.26
CA TYR A 100 -5.41 -0.61 -17.35
C TYR A 100 -4.42 -1.64 -16.81
N GLY A 101 -4.68 -2.93 -17.05
CA GLY A 101 -3.77 -3.98 -16.60
C GLY A 101 -2.42 -3.88 -17.31
N ASN A 102 -1.50 -3.10 -16.74
CA ASN A 102 -0.21 -2.87 -17.37
C ASN A 102 0.88 -3.73 -16.75
N LYS A 103 2.06 -3.67 -17.33
CA LYS A 103 3.19 -4.50 -16.95
C LYS A 103 4.18 -3.76 -16.02
N ILE A 104 3.71 -2.69 -15.37
CA ILE A 104 4.56 -1.85 -14.47
C ILE A 104 5.27 -2.68 -13.35
N GLU A 105 4.97 -3.98 -13.26
CA GLU A 105 5.56 -4.88 -12.27
C GLU A 105 7.08 -4.77 -12.25
N ARG A 106 7.66 -4.88 -11.07
CA ARG A 106 9.10 -4.82 -10.91
C ARG A 106 9.52 -5.76 -9.80
N MET A 107 10.77 -5.63 -9.36
CA MET A 107 11.31 -6.46 -8.28
C MET A 107 10.42 -6.48 -7.07
N ILE A 108 10.35 -7.63 -6.40
CA ILE A 108 9.60 -7.76 -5.17
C ILE A 108 10.17 -6.78 -4.19
N GLN A 109 9.46 -5.71 -4.03
CA GLN A 109 9.91 -4.60 -3.31
C GLN A 109 8.69 -3.88 -2.91
N ASP A 110 8.84 -2.75 -2.24
CA ASP A 110 7.72 -1.86 -1.99
C ASP A 110 7.01 -2.24 -0.72
N LEU A 111 7.32 -3.42 -0.26
CA LEU A 111 6.91 -3.88 1.05
C LEU A 111 7.59 -3.00 2.05
N HIS A 112 6.87 -2.04 2.61
CA HIS A 112 7.51 -1.09 3.47
C HIS A 112 7.83 -1.65 4.81
N LYS A 113 7.39 -2.84 5.05
CA LYS A 113 7.73 -3.52 6.31
C LYS A 113 9.02 -4.30 6.10
N GLN A 114 9.24 -4.73 4.86
CA GLN A 114 10.43 -5.46 4.49
C GLN A 114 11.52 -4.48 4.03
N ASP A 115 11.13 -3.21 3.97
CA ASP A 115 12.02 -2.12 3.57
C ASP A 115 13.03 -1.82 4.69
N ARG A 116 12.98 -2.64 5.73
CA ARG A 116 13.86 -2.54 6.87
C ARG A 116 15.29 -2.90 6.44
N VAL A 117 15.40 -3.65 5.34
CA VAL A 117 16.69 -4.05 4.80
C VAL A 117 17.51 -2.85 4.35
N GLU A 118 16.83 -1.82 3.86
CA GLU A 118 17.50 -0.64 3.40
C GLU A 118 17.48 0.43 4.48
N GLY A 1 -5.93 -13.68 -5.86
CA GLY A 1 -6.46 -14.59 -4.83
C GLY A 1 -7.70 -14.03 -4.18
N SER A 2 -7.50 -13.08 -3.25
CA SER A 2 -8.58 -12.40 -2.56
C SER A 2 -9.42 -13.35 -1.70
N SER A 3 -8.75 -14.31 -1.06
CA SER A 3 -9.46 -15.27 -0.17
C SER A 3 -9.90 -14.51 1.10
N MET A 4 -10.97 -14.98 1.75
CA MET A 4 -11.56 -14.27 2.90
C MET A 4 -10.54 -13.89 3.99
N ARG A 5 -9.61 -14.77 4.29
CA ARG A 5 -8.59 -14.48 5.30
C ARG A 5 -7.64 -13.36 4.83
N ALA A 6 -7.14 -13.52 3.61
CA ALA A 6 -6.23 -12.55 3.02
C ALA A 6 -6.93 -11.23 2.80
N GLU A 7 -8.18 -11.31 2.39
CA GLU A 7 -9.00 -10.15 2.16
C GLU A 7 -9.25 -9.40 3.46
N ARG A 8 -9.66 -10.13 4.48
CA ARG A 8 -10.00 -9.52 5.75
C ARG A 8 -8.80 -8.84 6.41
N VAL A 9 -7.69 -9.55 6.50
CA VAL A 9 -6.49 -8.95 7.14
C VAL A 9 -5.89 -7.88 6.23
N GLY A 10 -5.96 -8.13 4.94
CA GLY A 10 -5.44 -7.20 3.99
C GLY A 10 -6.24 -5.93 3.99
N GLU A 11 -7.54 -6.05 3.84
CA GLU A 11 -8.38 -4.90 3.68
C GLU A 11 -8.54 -4.19 5.02
N GLN A 12 -8.25 -4.87 6.12
CA GLN A 12 -8.25 -4.15 7.36
C GLN A 12 -7.02 -3.25 7.37
N MET A 13 -5.94 -3.78 6.79
CA MET A 13 -4.74 -3.00 6.60
C MET A 13 -5.06 -1.90 5.60
N LYS A 14 -6.09 -2.14 4.78
CA LYS A 14 -6.60 -1.14 3.81
C LYS A 14 -7.22 0.00 4.53
N LYS A 15 -7.95 -0.32 5.58
CA LYS A 15 -8.60 0.70 6.39
C LYS A 15 -7.54 1.60 6.97
N GLU A 16 -6.54 0.96 7.57
CA GLU A 16 -5.45 1.69 8.14
C GLU A 16 -4.66 2.40 7.05
N LEU A 17 -4.39 1.69 5.94
CA LEU A 17 -3.60 2.26 4.85
C LEU A 17 -4.36 3.43 4.21
N MET A 18 -5.68 3.31 4.16
CA MET A 18 -6.55 4.34 3.65
C MET A 18 -6.30 5.59 4.39
N ASP A 19 -6.41 5.47 5.70
CA ASP A 19 -6.23 6.59 6.57
C ASP A 19 -4.82 7.14 6.44
N ILE A 20 -3.84 6.24 6.34
CA ILE A 20 -2.45 6.62 6.20
C ILE A 20 -2.25 7.52 5.00
N ILE A 21 -2.54 7.02 3.82
CA ILE A 21 -2.29 7.79 2.64
C ILE A 21 -3.18 9.04 2.58
N ASN A 22 -4.49 8.85 2.70
CA ASN A 22 -5.44 9.96 2.54
C ASN A 22 -5.31 11.00 3.62
N ASN A 23 -5.38 10.57 4.85
CA ASN A 23 -5.44 11.46 5.98
C ASN A 23 -4.08 11.86 6.52
N LYS A 24 -3.04 11.09 6.21
CA LYS A 24 -1.73 11.38 6.76
C LYS A 24 -0.75 11.92 5.73
N VAL A 25 -0.67 11.31 4.57
CA VAL A 25 0.33 11.73 3.59
C VAL A 25 -0.32 12.47 2.43
N LYS A 26 -0.30 13.78 2.52
CA LYS A 26 -0.95 14.63 1.52
C LYS A 26 -0.09 14.84 0.28
N ASP A 27 -0.75 14.99 -0.85
CA ASP A 27 -0.09 15.33 -2.11
C ASP A 27 -0.96 16.29 -2.89
N PRO A 28 -0.51 17.54 -3.05
CA PRO A 28 -1.27 18.56 -3.73
C PRO A 28 -0.92 18.71 -5.22
N ARG A 29 -0.53 17.63 -5.88
CA ARG A 29 -0.23 17.70 -7.31
C ARG A 29 -1.00 16.63 -8.09
N VAL A 30 -1.45 15.61 -7.41
CA VAL A 30 -2.14 14.52 -8.06
C VAL A 30 -3.63 14.47 -7.64
N GLY A 31 -4.42 13.71 -8.41
CA GLY A 31 -5.84 13.57 -8.12
C GLY A 31 -6.08 12.65 -6.94
N PHE A 32 -7.32 12.33 -6.68
CA PHE A 32 -7.66 11.44 -5.58
C PHE A 32 -6.92 10.11 -5.69
N ILE A 33 -6.44 9.64 -4.56
CA ILE A 33 -5.76 8.37 -4.51
C ILE A 33 -6.73 7.36 -3.95
N THR A 34 -7.04 6.34 -4.72
CA THR A 34 -8.03 5.42 -4.28
C THR A 34 -7.42 4.06 -3.96
N ILE A 35 -7.55 3.67 -2.71
CA ILE A 35 -7.13 2.35 -2.28
C ILE A 35 -8.20 1.40 -2.75
N THR A 36 -7.85 0.49 -3.62
CA THR A 36 -8.83 -0.33 -4.23
C THR A 36 -8.79 -1.72 -3.69
N ASP A 37 -7.60 -2.28 -3.64
CA ASP A 37 -7.46 -3.63 -3.22
C ASP A 37 -6.18 -3.83 -2.50
N VAL A 38 -6.24 -4.08 -1.25
CA VAL A 38 -5.06 -4.42 -0.57
C VAL A 38 -5.23 -5.85 -0.10
N VAL A 39 -4.52 -6.70 -0.72
CA VAL A 39 -4.70 -8.11 -0.50
C VAL A 39 -3.47 -8.74 0.03
N LEU A 40 -3.65 -9.76 0.81
CA LEU A 40 -2.54 -10.48 1.29
C LEU A 40 -2.11 -11.53 0.29
N THR A 41 -0.81 -11.63 0.07
CA THR A 41 -0.28 -12.66 -0.79
C THR A 41 -0.52 -14.04 -0.13
N ASN A 42 -0.40 -15.11 -0.92
CA ASN A 42 -0.65 -16.47 -0.42
C ASN A 42 0.17 -16.82 0.83
N ASP A 43 1.23 -16.06 1.11
CA ASP A 43 2.04 -16.30 2.31
C ASP A 43 1.36 -15.71 3.56
N LEU A 44 0.31 -14.90 3.32
CA LEU A 44 -0.50 -14.27 4.39
C LEU A 44 0.30 -13.27 5.22
N SER A 45 1.40 -12.77 4.68
CA SER A 45 2.21 -11.83 5.38
C SER A 45 2.53 -10.66 4.48
N GLN A 46 1.90 -10.61 3.31
CA GLN A 46 2.15 -9.54 2.38
C GLN A 46 0.88 -8.78 2.08
N ALA A 47 0.93 -7.46 2.11
CA ALA A 47 -0.25 -6.63 1.93
C ALA A 47 -0.06 -5.78 0.71
N LYS A 48 -0.66 -6.19 -0.37
CA LYS A 48 -0.46 -5.48 -1.59
C LYS A 48 -1.51 -4.45 -1.77
N VAL A 49 -1.09 -3.23 -1.58
CA VAL A 49 -1.95 -2.10 -1.68
C VAL A 49 -2.10 -1.67 -3.11
N PHE A 50 -3.21 -2.02 -3.68
CA PHE A 50 -3.51 -1.65 -5.04
C PHE A 50 -4.17 -0.26 -5.05
N LEU A 51 -3.53 0.71 -5.73
CA LEU A 51 -4.05 2.08 -5.77
C LEU A 51 -4.34 2.54 -7.18
N THR A 52 -5.25 3.47 -7.28
CA THR A 52 -5.54 4.14 -8.52
C THR A 52 -5.59 5.64 -8.27
N VAL A 53 -4.86 6.40 -9.05
CA VAL A 53 -4.78 7.83 -8.83
C VAL A 53 -4.83 8.61 -10.16
N LEU A 54 -5.35 9.82 -10.11
CA LEU A 54 -5.52 10.65 -11.30
C LEU A 54 -4.34 11.56 -11.49
N GLY A 55 -3.38 11.06 -12.19
CA GLY A 55 -2.20 11.85 -12.45
C GLY A 55 -1.26 11.21 -13.44
N ASN A 56 -0.12 11.87 -13.63
CA ASN A 56 0.94 11.39 -14.51
C ASN A 56 1.52 10.13 -14.02
N ASP A 57 2.23 9.44 -14.88
CA ASP A 57 2.93 8.25 -14.48
C ASP A 57 3.92 8.65 -13.41
N LYS A 58 4.37 9.88 -13.52
CA LYS A 58 5.33 10.44 -12.61
C LYS A 58 4.60 10.93 -11.42
N GLU A 59 3.34 11.32 -11.61
CA GLU A 59 2.56 11.79 -10.49
C GLU A 59 2.14 10.60 -9.65
N VAL A 60 1.80 9.54 -10.35
CA VAL A 60 1.53 8.25 -9.76
C VAL A 60 2.75 7.83 -8.97
N GLU A 61 3.91 8.08 -9.56
CA GLU A 61 5.17 7.76 -8.91
C GLU A 61 5.39 8.66 -7.74
N ASN A 62 4.91 9.89 -7.81
CA ASN A 62 5.06 10.83 -6.69
C ASN A 62 4.19 10.40 -5.53
N THR A 63 3.00 9.85 -5.84
CA THR A 63 2.17 9.29 -4.80
C THR A 63 2.93 8.14 -4.15
N PHE A 64 3.48 7.27 -5.01
CA PHE A 64 4.30 6.18 -4.55
C PHE A 64 5.55 6.73 -3.85
N LYS A 65 6.07 7.86 -4.32
CA LYS A 65 7.18 8.53 -3.62
C LYS A 65 6.78 8.92 -2.23
N ALA A 66 5.71 9.64 -2.10
CA ALA A 66 5.25 10.01 -0.78
C ALA A 66 5.08 8.76 0.10
N LEU A 67 4.67 7.65 -0.51
CA LEU A 67 4.45 6.44 0.24
C LEU A 67 5.79 5.69 0.54
N ASP A 68 6.54 5.41 -0.51
CA ASP A 68 7.82 4.69 -0.39
C ASP A 68 8.99 5.60 0.02
N LYS A 69 8.97 6.84 -0.41
CA LYS A 69 10.06 7.74 -0.06
C LYS A 69 9.84 8.41 1.29
N ALA A 70 8.60 8.66 1.66
CA ALA A 70 8.28 9.22 2.99
C ALA A 70 7.85 8.04 3.84
N LYS A 71 8.42 6.93 3.45
CA LYS A 71 8.15 5.67 4.02
C LYS A 71 8.25 5.67 5.51
N GLY A 72 9.17 6.43 6.10
CA GLY A 72 9.27 6.43 7.57
C GLY A 72 8.03 6.96 8.25
N PHE A 73 7.33 7.83 7.56
CA PHE A 73 6.08 8.34 8.06
C PHE A 73 5.05 7.26 7.91
N ILE A 74 5.09 6.60 6.76
CA ILE A 74 4.22 5.45 6.55
C ILE A 74 4.64 4.31 7.52
N LYS A 75 5.93 4.24 7.81
CA LYS A 75 6.57 3.26 8.70
C LYS A 75 6.04 3.37 10.07
N SER A 76 5.89 4.58 10.54
CA SER A 76 5.40 4.78 11.88
C SER A 76 3.90 4.65 11.92
N GLU A 77 3.23 5.17 10.91
CA GLU A 77 1.80 5.09 10.86
C GLU A 77 1.36 3.62 10.71
N LEU A 78 1.97 2.93 9.76
CA LEU A 78 1.76 1.50 9.55
C LEU A 78 2.36 0.75 10.73
N GLY A 79 3.47 1.31 11.25
CA GLY A 79 4.13 0.74 12.40
C GLY A 79 3.30 0.82 13.65
N SER A 80 2.28 1.66 13.64
CA SER A 80 1.38 1.78 14.77
C SER A 80 0.27 0.74 14.70
N ARG A 81 0.09 0.16 13.52
CA ARG A 81 -0.92 -0.86 13.32
C ARG A 81 -0.32 -2.25 13.44
N MET A 82 -0.15 -2.69 14.67
CA MET A 82 0.37 -4.02 14.94
C MET A 82 -0.21 -4.58 16.23
N ARG A 83 -1.10 -5.52 16.08
CA ARG A 83 -1.72 -6.18 17.22
C ARG A 83 -1.56 -7.68 17.09
N LEU A 84 -0.77 -8.07 16.10
CA LEU A 84 -0.51 -9.47 15.82
C LEU A 84 0.96 -9.78 16.03
N ARG A 85 1.34 -11.03 15.87
CA ARG A 85 2.71 -11.42 16.02
C ARG A 85 3.47 -11.25 14.71
N ILE A 86 2.77 -11.44 13.62
CA ILE A 86 3.35 -11.32 12.29
C ILE A 86 3.17 -9.91 11.75
N MET A 87 4.25 -9.34 11.20
CA MET A 87 4.19 -8.01 10.61
C MET A 87 3.90 -8.11 9.12
N PRO A 88 2.74 -7.61 8.67
CA PRO A 88 2.37 -7.60 7.26
C PRO A 88 3.33 -6.72 6.43
N GLU A 89 3.79 -7.28 5.33
CA GLU A 89 4.69 -6.61 4.43
C GLU A 89 3.89 -5.93 3.33
N LEU A 90 3.68 -4.64 3.46
CA LEU A 90 2.87 -3.92 2.49
C LEU A 90 3.64 -3.64 1.21
N MET A 91 2.92 -3.59 0.11
CA MET A 91 3.49 -3.32 -1.19
C MET A 91 2.61 -2.30 -1.92
N TYR A 92 3.22 -1.22 -2.38
CA TYR A 92 2.46 -0.18 -3.09
C TYR A 92 2.34 -0.54 -4.55
N GLU A 93 1.19 -1.10 -4.90
CA GLU A 93 0.94 -1.62 -6.22
C GLU A 93 0.00 -0.71 -7.00
N TYR A 94 0.04 -0.88 -8.29
CA TYR A 94 -0.81 -0.15 -9.20
C TYR A 94 -2.05 -1.00 -9.47
N ASP A 95 -3.25 -0.42 -9.29
CA ASP A 95 -4.50 -1.18 -9.46
C ASP A 95 -4.52 -1.98 -10.76
N GLN A 96 -4.74 -3.27 -10.63
CA GLN A 96 -4.81 -4.15 -11.77
C GLN A 96 -6.24 -4.64 -11.98
N SER A 97 -7.15 -4.11 -11.20
CA SER A 97 -8.53 -4.51 -11.24
C SER A 97 -9.33 -3.66 -12.24
N ILE A 98 -9.36 -2.36 -12.00
CA ILE A 98 -10.10 -1.44 -12.84
C ILE A 98 -9.16 -0.56 -13.65
N GLU A 99 -7.97 -0.33 -13.13
CA GLU A 99 -6.97 0.47 -13.78
C GLU A 99 -6.26 -0.37 -14.86
N TYR A 100 -5.41 0.27 -15.66
CA TYR A 100 -4.68 -0.44 -16.70
C TYR A 100 -3.75 -1.51 -16.10
N GLY A 101 -3.74 -2.71 -16.71
CA GLY A 101 -2.94 -3.79 -16.22
C GLY A 101 -1.46 -3.65 -16.56
N ASN A 102 -0.75 -2.78 -15.83
CA ASN A 102 0.68 -2.62 -16.03
C ASN A 102 1.42 -3.88 -15.57
N LYS A 103 1.78 -4.72 -16.51
CA LYS A 103 2.49 -5.96 -16.22
C LYS A 103 3.99 -5.79 -16.51
N ILE A 104 4.41 -4.54 -16.64
CA ILE A 104 5.79 -4.23 -16.97
C ILE A 104 6.71 -4.49 -15.79
N GLU A 105 6.61 -3.70 -14.73
CA GLU A 105 7.51 -3.83 -13.59
C GLU A 105 6.79 -3.73 -12.26
N ARG A 106 7.05 -4.70 -11.39
CA ARG A 106 6.56 -4.66 -10.03
C ARG A 106 7.73 -4.58 -9.09
N MET A 107 8.08 -3.36 -8.74
CA MET A 107 9.23 -3.09 -7.89
C MET A 107 9.06 -3.66 -6.51
N ILE A 108 10.02 -4.46 -6.10
CA ILE A 108 10.02 -4.93 -4.75
C ILE A 108 10.59 -3.79 -3.91
N GLN A 109 9.69 -3.05 -3.37
CA GLN A 109 9.96 -1.83 -2.72
C GLN A 109 8.78 -1.61 -1.85
N ASP A 110 8.73 -0.48 -1.14
CA ASP A 110 7.53 -0.08 -0.42
C ASP A 110 7.41 -0.78 0.90
N LEU A 111 8.16 -1.83 1.03
CA LEU A 111 8.16 -2.64 2.19
C LEU A 111 8.69 -1.87 3.39
N HIS A 112 7.83 -1.61 4.37
CA HIS A 112 8.27 -0.93 5.58
C HIS A 112 9.24 -1.82 6.37
N LYS A 113 9.20 -3.10 6.05
CA LYS A 113 10.10 -4.10 6.71
C LYS A 113 11.49 -4.17 6.01
N GLN A 114 11.49 -4.12 4.68
CA GLN A 114 12.73 -4.30 3.92
C GLN A 114 13.38 -2.98 3.51
N ASP A 115 12.60 -2.10 2.92
CA ASP A 115 13.11 -0.82 2.38
C ASP A 115 13.28 0.24 3.48
N ARG A 116 13.69 -0.23 4.67
CA ARG A 116 13.91 0.56 5.89
C ARG A 116 14.20 2.06 5.62
N VAL A 117 15.21 2.36 4.79
CA VAL A 117 15.57 3.76 4.53
C VAL A 117 15.64 4.06 3.03
N GLU A 118 16.73 3.64 2.41
CA GLU A 118 16.96 3.89 0.99
C GLU A 118 17.04 2.58 0.23
N GLY A 1 -7.40 -14.02 -7.15
CA GLY A 1 -8.01 -14.64 -5.96
C GLY A 1 -7.39 -14.12 -4.68
N SER A 2 -7.93 -14.56 -3.55
CA SER A 2 -7.43 -14.14 -2.26
C SER A 2 -8.03 -15.03 -1.16
N SER A 3 -7.49 -14.92 0.03
CA SER A 3 -7.95 -15.73 1.17
C SER A 3 -8.82 -14.88 2.08
N MET A 4 -9.71 -15.52 2.85
CA MET A 4 -10.60 -14.80 3.76
C MET A 4 -9.79 -14.03 4.80
N ARG A 5 -8.64 -14.58 5.17
CA ARG A 5 -7.76 -13.93 6.14
C ARG A 5 -7.17 -12.66 5.54
N ALA A 6 -6.68 -12.79 4.31
CA ALA A 6 -6.09 -11.67 3.59
C ALA A 6 -7.14 -10.63 3.25
N GLU A 7 -8.36 -11.08 3.03
CA GLU A 7 -9.46 -10.17 2.74
C GLU A 7 -9.83 -9.36 3.97
N ARG A 8 -10.06 -10.04 5.08
CA ARG A 8 -10.44 -9.38 6.33
C ARG A 8 -9.31 -8.46 6.80
N VAL A 9 -8.14 -9.03 7.00
CA VAL A 9 -6.98 -8.27 7.50
C VAL A 9 -6.54 -7.25 6.47
N GLY A 10 -6.69 -7.59 5.20
CA GLY A 10 -6.32 -6.69 4.15
C GLY A 10 -7.31 -5.57 3.97
N GLU A 11 -8.56 -5.78 4.35
CA GLU A 11 -9.56 -4.77 4.18
C GLU A 11 -9.38 -3.79 5.30
N GLN A 12 -9.12 -4.31 6.48
CA GLN A 12 -8.90 -3.43 7.59
C GLN A 12 -7.58 -2.67 7.44
N MET A 13 -6.58 -3.37 6.93
CA MET A 13 -5.29 -2.75 6.67
C MET A 13 -5.45 -1.78 5.52
N LYS A 14 -6.43 -2.07 4.65
CA LYS A 14 -6.74 -1.21 3.51
C LYS A 14 -7.36 0.07 4.03
N LYS A 15 -8.12 -0.05 5.10
CA LYS A 15 -8.76 1.10 5.72
C LYS A 15 -7.71 1.98 6.33
N GLU A 16 -6.83 1.37 7.11
CA GLU A 16 -5.76 2.13 7.72
C GLU A 16 -4.81 2.65 6.67
N LEU A 17 -4.57 1.84 5.62
CA LEU A 17 -3.69 2.26 4.53
C LEU A 17 -4.27 3.51 3.86
N MET A 18 -5.59 3.46 3.58
CA MET A 18 -6.30 4.58 2.97
C MET A 18 -6.16 5.81 3.82
N ASP A 19 -6.34 5.62 5.11
CA ASP A 19 -6.26 6.71 6.06
C ASP A 19 -4.86 7.26 6.15
N ILE A 20 -3.87 6.39 6.12
CA ILE A 20 -2.50 6.84 6.21
C ILE A 20 -2.10 7.65 4.99
N ILE A 21 -2.31 7.10 3.82
CA ILE A 21 -1.94 7.81 2.62
C ILE A 21 -2.73 9.12 2.50
N ASN A 22 -4.05 9.04 2.53
CA ASN A 22 -4.91 10.20 2.31
C ASN A 22 -4.91 11.18 3.47
N ASN A 23 -5.11 10.67 4.65
CA ASN A 23 -5.27 11.51 5.82
C ASN A 23 -3.95 11.86 6.51
N LYS A 24 -2.87 11.12 6.20
CA LYS A 24 -1.57 11.43 6.81
C LYS A 24 -0.61 12.05 5.82
N VAL A 25 -0.45 11.45 4.64
CA VAL A 25 0.46 12.03 3.66
C VAL A 25 -0.31 12.62 2.50
N LYS A 26 -0.61 13.90 2.61
CA LYS A 26 -1.43 14.58 1.63
C LYS A 26 -0.66 15.01 0.41
N ASP A 27 -1.17 14.65 -0.75
CA ASP A 27 -0.61 15.10 -2.00
C ASP A 27 -1.73 15.71 -2.84
N PRO A 28 -1.86 17.04 -2.79
CA PRO A 28 -2.91 17.75 -3.51
C PRO A 28 -2.50 18.12 -4.92
N ARG A 29 -1.40 17.55 -5.39
CA ARG A 29 -0.91 17.85 -6.72
C ARG A 29 -1.27 16.72 -7.67
N VAL A 30 -1.73 15.62 -7.10
CA VAL A 30 -2.10 14.47 -7.88
C VAL A 30 -3.63 14.26 -7.81
N GLY A 31 -4.17 13.42 -8.68
CA GLY A 31 -5.58 13.18 -8.71
C GLY A 31 -6.06 12.38 -7.52
N PHE A 32 -7.34 12.00 -7.55
CA PHE A 32 -7.94 11.23 -6.47
C PHE A 32 -7.08 10.01 -6.12
N ILE A 33 -6.79 9.86 -4.86
CA ILE A 33 -5.99 8.77 -4.36
C ILE A 33 -6.89 7.73 -3.72
N THR A 34 -7.06 6.60 -4.37
CA THR A 34 -7.97 5.59 -3.87
C THR A 34 -7.27 4.24 -3.73
N ILE A 35 -7.20 3.72 -2.52
CA ILE A 35 -6.66 2.41 -2.30
C ILE A 35 -7.77 1.41 -2.52
N THR A 36 -7.58 0.49 -3.44
CA THR A 36 -8.62 -0.41 -3.78
C THR A 36 -8.41 -1.75 -3.13
N ASP A 37 -7.23 -2.30 -3.32
CA ASP A 37 -6.97 -3.60 -2.81
C ASP A 37 -5.76 -3.71 -1.94
N VAL A 38 -5.86 -4.61 -1.00
CA VAL A 38 -4.76 -5.04 -0.21
C VAL A 38 -4.78 -6.48 -0.23
N VAL A 39 -3.85 -7.03 -0.87
CA VAL A 39 -3.84 -8.43 -0.90
C VAL A 39 -2.53 -8.96 -0.40
N LEU A 40 -2.61 -9.55 0.75
CA LEU A 40 -1.44 -10.16 1.35
C LEU A 40 -1.21 -11.53 0.78
N THR A 41 -0.32 -11.66 -0.21
CA THR A 41 -0.13 -12.98 -0.81
C THR A 41 1.27 -13.22 -1.42
N ASN A 42 2.24 -13.47 -0.64
CA ASN A 42 3.39 -14.20 -1.15
C ASN A 42 3.21 -15.55 -0.58
N ASP A 43 3.25 -15.51 0.72
CA ASP A 43 2.98 -16.60 1.63
C ASP A 43 1.76 -16.26 2.48
N LEU A 44 0.97 -15.25 2.00
CA LEU A 44 -0.18 -14.68 2.74
C LEU A 44 0.33 -13.68 3.81
N SER A 45 1.42 -12.99 3.46
CA SER A 45 2.06 -12.03 4.35
C SER A 45 2.33 -10.72 3.64
N GLN A 46 2.13 -10.67 2.34
CA GLN A 46 2.53 -9.48 1.63
C GLN A 46 1.36 -8.67 1.16
N ALA A 47 1.16 -7.53 1.82
CA ALA A 47 -0.02 -6.68 1.65
C ALA A 47 0.22 -5.68 0.59
N LYS A 48 -0.10 -6.04 -0.61
CA LYS A 48 0.13 -5.16 -1.68
C LYS A 48 -1.05 -4.29 -1.92
N VAL A 49 -0.77 -3.02 -1.86
CA VAL A 49 -1.71 -1.98 -2.00
C VAL A 49 -1.87 -1.61 -3.45
N PHE A 50 -3.08 -1.77 -3.91
CA PHE A 50 -3.45 -1.42 -5.24
C PHE A 50 -4.04 0.01 -5.20
N LEU A 51 -3.31 0.98 -5.78
CA LEU A 51 -3.73 2.38 -5.70
C LEU A 51 -4.26 2.91 -7.02
N THR A 52 -5.51 3.34 -7.00
CA THR A 52 -6.11 4.01 -8.13
C THR A 52 -5.91 5.49 -7.97
N VAL A 53 -4.92 6.01 -8.65
CA VAL A 53 -4.62 7.41 -8.60
C VAL A 53 -4.59 7.98 -10.02
N LEU A 54 -4.99 9.23 -10.17
CA LEU A 54 -5.06 9.85 -11.49
C LEU A 54 -3.80 10.60 -11.80
N GLY A 55 -3.61 10.81 -13.07
CA GLY A 55 -2.47 11.54 -13.53
C GLY A 55 -1.52 10.68 -14.34
N ASN A 56 -0.28 11.11 -14.39
CA ASN A 56 0.75 10.43 -15.14
C ASN A 56 1.17 9.20 -14.49
N ASP A 57 1.85 8.40 -15.26
CA ASP A 57 2.53 7.27 -14.76
C ASP A 57 3.51 7.75 -13.73
N LYS A 58 4.02 8.94 -13.99
CA LYS A 58 4.97 9.60 -13.14
C LYS A 58 4.26 10.27 -12.00
N GLU A 59 2.98 10.60 -12.20
CA GLU A 59 2.21 11.16 -11.10
C GLU A 59 1.87 10.05 -10.14
N VAL A 60 1.62 8.89 -10.71
CA VAL A 60 1.45 7.67 -9.98
C VAL A 60 2.71 7.39 -9.20
N GLU A 61 3.82 7.60 -9.88
CA GLU A 61 5.14 7.41 -9.29
C GLU A 61 5.32 8.37 -8.17
N ASN A 62 4.98 9.63 -8.41
CA ASN A 62 5.12 10.70 -7.43
C ASN A 62 4.33 10.41 -6.17
N THR A 63 3.12 9.86 -6.33
CA THR A 63 2.35 9.45 -5.18
C THR A 63 3.13 8.38 -4.42
N PHE A 64 3.64 7.39 -5.18
CA PHE A 64 4.47 6.36 -4.61
C PHE A 64 5.75 6.96 -4.02
N LYS A 65 6.29 7.99 -4.69
CA LYS A 65 7.45 8.70 -4.17
C LYS A 65 7.17 9.25 -2.83
N ALA A 66 6.06 9.95 -2.70
CA ALA A 66 5.66 10.51 -1.40
C ALA A 66 5.54 9.40 -0.37
N LEU A 67 5.10 8.21 -0.83
CA LEU A 67 4.97 7.08 0.05
C LEU A 67 6.35 6.57 0.47
N ASP A 68 7.19 6.24 -0.51
CA ASP A 68 8.57 5.81 -0.20
C ASP A 68 9.41 6.96 0.40
N LYS A 69 9.09 8.20 0.08
CA LYS A 69 9.80 9.36 0.66
C LYS A 69 9.56 9.44 2.16
N ALA A 70 8.30 9.34 2.54
CA ALA A 70 7.92 9.40 3.95
C ALA A 70 7.85 7.99 4.49
N LYS A 71 8.66 7.13 3.90
CA LYS A 71 8.69 5.71 4.17
C LYS A 71 8.56 5.33 5.64
N GLY A 72 9.44 5.79 6.50
CA GLY A 72 9.37 5.36 7.89
C GLY A 72 8.17 5.93 8.61
N PHE A 73 7.74 7.09 8.19
CA PHE A 73 6.54 7.69 8.74
C PHE A 73 5.36 6.80 8.37
N ILE A 74 5.35 6.35 7.11
CA ILE A 74 4.35 5.41 6.64
C ILE A 74 4.48 4.11 7.45
N LYS A 75 5.73 3.64 7.52
CA LYS A 75 6.15 2.40 8.22
C LYS A 75 5.64 2.35 9.64
N SER A 76 5.93 3.39 10.39
CA SER A 76 5.63 3.41 11.80
C SER A 76 4.18 3.73 12.03
N GLU A 77 3.59 4.48 11.12
CA GLU A 77 2.19 4.76 11.20
C GLU A 77 1.42 3.46 10.97
N LEU A 78 1.84 2.73 9.95
CA LEU A 78 1.27 1.40 9.66
C LEU A 78 1.69 0.41 10.73
N GLY A 79 2.88 0.60 11.28
CA GLY A 79 3.36 -0.25 12.33
C GLY A 79 2.60 -0.10 13.64
N SER A 80 2.16 1.10 13.93
CA SER A 80 1.49 1.39 15.19
C SER A 80 -0.03 1.26 15.06
N ARG A 81 -0.55 1.67 13.91
CA ARG A 81 -1.98 1.67 13.70
C ARG A 81 -2.53 0.26 13.65
N MET A 82 -3.23 -0.12 14.72
CA MET A 82 -3.84 -1.43 14.85
C MET A 82 -2.79 -2.54 14.78
N ARG A 83 -2.11 -2.77 15.90
CA ARG A 83 -1.10 -3.81 15.95
C ARG A 83 -1.71 -5.17 15.67
N LEU A 84 -1.28 -5.77 14.59
CA LEU A 84 -1.81 -7.05 14.16
C LEU A 84 -1.00 -8.21 14.74
N ARG A 85 -1.57 -9.41 14.66
CA ARG A 85 -0.89 -10.61 15.12
C ARG A 85 -0.02 -11.16 14.01
N ILE A 86 -0.56 -11.18 12.80
CA ILE A 86 0.16 -11.63 11.63
C ILE A 86 0.91 -10.46 11.04
N MET A 87 2.22 -10.59 10.95
CA MET A 87 3.06 -9.51 10.43
C MET A 87 2.99 -9.45 8.90
N PRO A 88 2.35 -8.39 8.37
CA PRO A 88 2.20 -8.19 6.95
C PRO A 88 3.24 -7.21 6.37
N GLU A 89 3.58 -7.42 5.13
CA GLU A 89 4.50 -6.57 4.41
C GLU A 89 3.76 -5.74 3.39
N LEU A 90 3.54 -4.46 3.69
CA LEU A 90 2.83 -3.60 2.76
C LEU A 90 3.67 -3.32 1.53
N MET A 91 3.02 -3.32 0.38
CA MET A 91 3.68 -3.12 -0.91
C MET A 91 2.88 -2.12 -1.77
N TYR A 92 3.49 -0.98 -2.09
CA TYR A 92 2.80 0.08 -2.85
C TYR A 92 2.84 -0.15 -4.36
N GLU A 93 1.66 -0.42 -4.97
CA GLU A 93 1.60 -0.67 -6.40
C GLU A 93 0.40 0.05 -7.04
N TYR A 94 0.40 0.11 -8.36
CA TYR A 94 -0.68 0.76 -9.10
C TYR A 94 -1.86 -0.18 -9.25
N ASP A 95 -3.06 0.38 -9.18
CA ASP A 95 -4.27 -0.41 -9.27
C ASP A 95 -4.50 -0.96 -10.67
N GLN A 96 -4.42 -2.27 -10.77
CA GLN A 96 -4.74 -3.00 -11.99
C GLN A 96 -5.99 -3.84 -11.78
N SER A 97 -6.63 -3.67 -10.64
CA SER A 97 -7.75 -4.51 -10.23
C SER A 97 -9.13 -3.96 -10.60
N ILE A 98 -9.19 -2.82 -11.25
CA ILE A 98 -10.47 -2.29 -11.66
C ILE A 98 -10.63 -2.51 -13.13
N GLU A 99 -9.74 -1.93 -13.89
CA GLU A 99 -9.71 -2.12 -15.31
C GLU A 99 -9.03 -3.43 -15.63
N TYR A 100 -8.92 -3.75 -16.90
CA TYR A 100 -8.18 -4.91 -17.30
C TYR A 100 -6.69 -4.60 -17.13
N GLY A 101 -6.07 -5.19 -16.12
CA GLY A 101 -4.70 -4.89 -15.87
C GLY A 101 -3.90 -6.14 -15.55
N ASN A 102 -2.61 -5.99 -15.41
CA ASN A 102 -1.75 -7.11 -15.09
C ASN A 102 -1.39 -7.11 -13.61
N LYS A 103 -1.98 -8.03 -12.87
CA LYS A 103 -1.73 -8.13 -11.42
C LYS A 103 -0.72 -9.23 -11.10
N ILE A 104 -0.01 -9.67 -12.12
CA ILE A 104 0.96 -10.75 -11.97
C ILE A 104 2.18 -10.31 -11.16
N GLU A 105 2.85 -9.27 -11.64
CA GLU A 105 4.05 -8.75 -10.99
C GLU A 105 3.72 -8.15 -9.62
N ARG A 106 4.76 -7.79 -8.87
CA ARG A 106 4.56 -7.24 -7.55
C ARG A 106 5.76 -6.42 -7.09
N MET A 107 5.50 -5.16 -6.78
CA MET A 107 6.53 -4.26 -6.26
C MET A 107 6.79 -4.54 -4.81
N ILE A 108 7.84 -5.28 -4.55
CA ILE A 108 8.22 -5.58 -3.18
C ILE A 108 9.07 -4.48 -2.65
N GLN A 109 8.49 -3.71 -1.77
CA GLN A 109 9.11 -2.58 -1.20
C GLN A 109 8.22 -2.21 -0.06
N ASP A 110 8.60 -1.23 0.76
CA ASP A 110 7.68 -0.68 1.76
C ASP A 110 7.46 -1.63 2.90
N LEU A 111 8.24 -2.64 2.91
CA LEU A 111 8.18 -3.69 3.87
C LEU A 111 8.36 -3.18 5.31
N HIS A 112 7.26 -3.08 6.07
CA HIS A 112 7.34 -2.68 7.48
C HIS A 112 7.82 -3.84 8.37
N LYS A 113 7.46 -5.04 7.99
CA LYS A 113 7.83 -6.27 8.80
C LYS A 113 9.33 -6.51 8.73
N GLN A 114 9.98 -5.85 7.80
CA GLN A 114 11.42 -5.90 7.66
C GLN A 114 12.10 -5.23 8.88
N ASP A 115 11.30 -4.57 9.71
CA ASP A 115 11.80 -3.89 10.91
C ASP A 115 12.32 -4.91 11.93
N ARG A 116 11.91 -6.16 11.75
CA ARG A 116 12.35 -7.24 12.61
C ARG A 116 13.82 -7.49 12.38
N VAL A 117 14.65 -6.99 13.26
CA VAL A 117 16.08 -7.15 13.11
C VAL A 117 16.57 -8.46 13.68
N GLU A 118 16.74 -9.42 12.80
CA GLU A 118 17.24 -10.72 13.18
C GLU A 118 17.76 -11.46 11.93
N GLY A 1 -14.55 -10.57 -2.00
CA GLY A 1 -13.68 -10.62 -3.18
C GLY A 1 -12.55 -11.62 -3.02
N SER A 2 -11.76 -11.46 -1.97
CA SER A 2 -10.63 -12.34 -1.71
C SER A 2 -10.98 -13.36 -0.64
N SER A 3 -10.00 -14.17 -0.24
CA SER A 3 -10.20 -15.19 0.81
C SER A 3 -10.47 -14.50 2.14
N MET A 4 -11.27 -15.14 2.98
CA MET A 4 -11.71 -14.56 4.27
C MET A 4 -10.54 -13.96 5.07
N ARG A 5 -9.50 -14.75 5.29
CA ARG A 5 -8.36 -14.32 6.09
C ARG A 5 -7.58 -13.20 5.37
N ALA A 6 -7.31 -13.42 4.08
CA ALA A 6 -6.56 -12.47 3.26
C ALA A 6 -7.31 -11.15 3.14
N GLU A 7 -8.60 -11.24 2.97
CA GLU A 7 -9.45 -10.07 2.81
C GLU A 7 -9.56 -9.34 4.14
N ARG A 8 -9.78 -10.08 5.21
CA ARG A 8 -9.92 -9.49 6.53
C ARG A 8 -8.67 -8.70 6.90
N VAL A 9 -7.52 -9.37 6.90
CA VAL A 9 -6.25 -8.70 7.31
C VAL A 9 -5.79 -7.68 6.25
N GLY A 10 -5.92 -8.05 5.00
CA GLY A 10 -5.51 -7.17 3.95
C GLY A 10 -6.36 -5.93 3.87
N GLU A 11 -7.66 -6.11 3.81
CA GLU A 11 -8.53 -5.00 3.56
C GLU A 11 -8.66 -4.17 4.82
N GLN A 12 -8.35 -4.77 5.98
CA GLN A 12 -8.30 -3.97 7.15
C GLN A 12 -7.11 -3.04 7.03
N MET A 13 -6.03 -3.60 6.46
CA MET A 13 -4.85 -2.82 6.13
C MET A 13 -5.21 -1.80 5.06
N LYS A 14 -6.29 -2.07 4.31
CA LYS A 14 -6.79 -1.13 3.28
C LYS A 14 -7.39 0.05 3.95
N LYS A 15 -8.10 -0.19 5.02
CA LYS A 15 -8.72 0.88 5.77
C LYS A 15 -7.65 1.71 6.40
N GLU A 16 -6.67 1.04 6.97
CA GLU A 16 -5.58 1.72 7.57
C GLU A 16 -4.77 2.41 6.52
N LEU A 17 -4.52 1.73 5.38
CA LEU A 17 -3.73 2.33 4.30
C LEU A 17 -4.46 3.53 3.73
N MET A 18 -5.79 3.43 3.71
CA MET A 18 -6.65 4.54 3.31
C MET A 18 -6.29 5.72 4.13
N ASP A 19 -6.25 5.48 5.43
CA ASP A 19 -5.93 6.49 6.39
C ASP A 19 -4.51 6.98 6.20
N ILE A 20 -3.60 6.06 5.97
CA ILE A 20 -2.20 6.41 5.80
C ILE A 20 -2.03 7.40 4.68
N ILE A 21 -2.39 7.01 3.49
CA ILE A 21 -2.14 7.85 2.37
C ILE A 21 -3.05 9.09 2.37
N ASN A 22 -4.34 8.88 2.48
CA ASN A 22 -5.30 9.97 2.38
C ASN A 22 -5.23 10.94 3.55
N ASN A 23 -5.07 10.43 4.75
CA ASN A 23 -5.09 11.28 5.93
C ASN A 23 -3.70 11.68 6.39
N LYS A 24 -2.69 10.87 6.09
CA LYS A 24 -1.35 11.16 6.58
C LYS A 24 -0.42 11.73 5.51
N VAL A 25 -0.39 11.13 4.32
CA VAL A 25 0.54 11.61 3.30
C VAL A 25 -0.22 12.28 2.16
N LYS A 26 -0.34 13.58 2.26
CA LYS A 26 -1.11 14.37 1.31
C LYS A 26 -0.32 14.72 0.05
N ASP A 27 -1.05 14.87 -1.04
CA ASP A 27 -0.48 15.31 -2.29
C ASP A 27 -1.48 16.20 -3.00
N PRO A 28 -1.24 17.51 -3.00
CA PRO A 28 -2.13 18.47 -3.61
C PRO A 28 -1.78 18.73 -5.07
N ARG A 29 -1.07 17.79 -5.69
CA ARG A 29 -0.65 17.94 -7.06
C ARG A 29 -1.45 17.02 -7.97
N VAL A 30 -1.74 15.85 -7.45
CA VAL A 30 -2.41 14.82 -8.23
C VAL A 30 -3.85 14.63 -7.73
N GLY A 31 -4.68 13.94 -8.52
CA GLY A 31 -6.06 13.74 -8.15
C GLY A 31 -6.23 12.80 -6.98
N PHE A 32 -7.48 12.50 -6.65
CA PHE A 32 -7.80 11.60 -5.56
C PHE A 32 -7.08 10.27 -5.69
N ILE A 33 -6.48 9.85 -4.60
CA ILE A 33 -5.77 8.59 -4.56
C ILE A 33 -6.65 7.58 -3.87
N THR A 34 -7.04 6.55 -4.57
CA THR A 34 -7.98 5.61 -4.02
C THR A 34 -7.40 4.22 -3.89
N ILE A 35 -7.63 3.64 -2.73
CA ILE A 35 -7.26 2.27 -2.47
C ILE A 35 -8.29 1.40 -3.14
N THR A 36 -7.85 0.48 -3.96
CA THR A 36 -8.78 -0.34 -4.68
C THR A 36 -8.78 -1.72 -4.11
N ASP A 37 -7.60 -2.25 -3.91
CA ASP A 37 -7.46 -3.55 -3.34
C ASP A 37 -6.17 -3.65 -2.65
N VAL A 38 -6.21 -4.07 -1.45
CA VAL A 38 -5.04 -4.37 -0.80
C VAL A 38 -5.19 -5.82 -0.38
N VAL A 39 -4.48 -6.65 -1.01
CA VAL A 39 -4.68 -8.04 -0.85
C VAL A 39 -3.56 -8.69 -0.13
N LEU A 40 -3.89 -9.71 0.57
CA LEU A 40 -2.93 -10.44 1.31
C LEU A 40 -2.44 -11.62 0.49
N THR A 41 -1.12 -11.70 0.33
CA THR A 41 -0.52 -12.81 -0.41
C THR A 41 -0.80 -14.15 0.33
N ASN A 42 -0.63 -15.27 -0.39
CA ASN A 42 -0.84 -16.60 0.18
C ASN A 42 0.08 -16.87 1.37
N ASP A 43 1.17 -16.09 1.48
CA ASP A 43 2.08 -16.18 2.62
C ASP A 43 1.43 -15.57 3.86
N LEU A 44 0.25 -14.96 3.65
CA LEU A 44 -0.59 -14.36 4.71
C LEU A 44 0.14 -13.29 5.54
N SER A 45 1.22 -12.76 4.99
CA SER A 45 2.00 -11.77 5.69
C SER A 45 2.26 -10.59 4.76
N GLN A 46 1.63 -10.60 3.59
CA GLN A 46 1.86 -9.55 2.63
C GLN A 46 0.57 -8.84 2.27
N ALA A 47 0.58 -7.53 2.38
CA ALA A 47 -0.58 -6.71 2.09
C ALA A 47 -0.24 -5.80 0.95
N LYS A 48 -0.72 -6.15 -0.22
CA LYS A 48 -0.36 -5.42 -1.40
C LYS A 48 -1.38 -4.38 -1.69
N VAL A 49 -0.98 -3.13 -1.55
CA VAL A 49 -1.84 -2.04 -1.74
C VAL A 49 -1.90 -1.60 -3.17
N PHE A 50 -3.06 -1.78 -3.73
CA PHE A 50 -3.33 -1.39 -5.09
C PHE A 50 -4.04 -0.02 -5.09
N LEU A 51 -3.43 0.99 -5.74
CA LEU A 51 -4.00 2.34 -5.75
C LEU A 51 -4.34 2.81 -7.15
N THR A 52 -5.30 3.70 -7.23
CA THR A 52 -5.66 4.36 -8.45
C THR A 52 -5.58 5.87 -8.20
N VAL A 53 -5.09 6.62 -9.17
CA VAL A 53 -4.94 8.04 -8.99
C VAL A 53 -5.04 8.77 -10.33
N LEU A 54 -5.46 10.02 -10.29
CA LEU A 54 -5.63 10.82 -11.49
C LEU A 54 -4.38 11.59 -11.81
N GLY A 55 -3.52 10.98 -12.59
CA GLY A 55 -2.28 11.62 -12.95
C GLY A 55 -1.40 10.78 -13.83
N ASN A 56 -0.14 11.20 -13.95
CA ASN A 56 0.86 10.52 -14.77
C ASN A 56 1.36 9.28 -14.12
N ASP A 57 2.05 8.46 -14.90
CA ASP A 57 2.72 7.29 -14.36
C ASP A 57 3.73 7.79 -13.37
N LYS A 58 4.17 9.01 -13.63
CA LYS A 58 5.13 9.70 -12.82
C LYS A 58 4.42 10.26 -11.64
N GLU A 59 3.13 10.58 -11.82
CA GLU A 59 2.35 11.08 -10.70
C GLU A 59 2.04 9.93 -9.77
N VAL A 60 1.76 8.79 -10.38
CA VAL A 60 1.59 7.55 -9.68
C VAL A 60 2.85 7.28 -8.87
N GLU A 61 3.98 7.52 -9.52
CA GLU A 61 5.25 7.36 -8.87
C GLU A 61 5.36 8.34 -7.76
N ASN A 62 5.06 9.59 -8.05
CA ASN A 62 5.15 10.69 -7.07
C ASN A 62 4.33 10.40 -5.83
N THR A 63 3.17 9.75 -5.97
CA THR A 63 2.40 9.37 -4.81
C THR A 63 3.13 8.28 -4.04
N PHE A 64 3.65 7.31 -4.79
CA PHE A 64 4.48 6.27 -4.21
C PHE A 64 5.71 6.91 -3.56
N LYS A 65 6.30 7.91 -4.23
CA LYS A 65 7.43 8.62 -3.67
C LYS A 65 7.02 9.34 -2.43
N ALA A 66 5.85 9.96 -2.43
CA ALA A 66 5.37 10.64 -1.22
C ALA A 66 5.31 9.66 -0.06
N LEU A 67 4.94 8.41 -0.37
CA LEU A 67 4.90 7.38 0.63
C LEU A 67 6.32 6.95 1.00
N ASP A 68 7.09 6.51 0.02
CA ASP A 68 8.48 6.13 0.26
C ASP A 68 9.37 7.32 0.76
N LYS A 69 8.93 8.56 0.52
CA LYS A 69 9.64 9.76 1.03
C LYS A 69 9.34 9.95 2.51
N ALA A 70 8.08 9.78 2.87
CA ALA A 70 7.64 9.88 4.26
C ALA A 70 7.78 8.51 4.87
N LYS A 71 8.68 7.79 4.25
CA LYS A 71 9.04 6.42 4.52
C LYS A 71 8.89 6.02 5.96
N GLY A 72 9.72 6.54 6.87
CA GLY A 72 9.64 6.08 8.25
C GLY A 72 8.30 6.34 8.91
N PHE A 73 7.63 7.42 8.50
CA PHE A 73 6.30 7.69 9.03
C PHE A 73 5.37 6.63 8.52
N ILE A 74 5.44 6.39 7.21
CA ILE A 74 4.69 5.34 6.56
C ILE A 74 5.02 3.99 7.25
N LYS A 75 6.31 3.78 7.41
CA LYS A 75 6.92 2.60 8.03
C LYS A 75 6.35 2.32 9.40
N SER A 76 6.25 3.36 10.19
CA SER A 76 5.80 3.24 11.56
C SER A 76 4.28 3.27 11.67
N GLU A 77 3.66 4.07 10.82
CA GLU A 77 2.22 4.19 10.83
C GLU A 77 1.61 2.87 10.36
N LEU A 78 2.24 2.27 9.35
CA LEU A 78 1.86 0.94 8.86
C LEU A 78 2.45 -0.12 9.78
N GLY A 79 3.65 0.13 10.28
CA GLY A 79 4.32 -0.79 11.19
C GLY A 79 3.54 -1.06 12.48
N SER A 80 2.98 -0.01 13.06
CA SER A 80 2.30 -0.13 14.35
C SER A 80 0.81 -0.40 14.18
N ARG A 81 0.35 -0.38 12.95
CA ARG A 81 -1.05 -0.49 12.70
C ARG A 81 -1.49 -1.91 12.39
N MET A 82 -2.32 -2.47 13.27
CA MET A 82 -2.93 -3.78 13.08
C MET A 82 -1.89 -4.89 12.92
N ARG A 83 -0.75 -4.72 13.53
CA ARG A 83 0.29 -5.73 13.44
C ARG A 83 -0.04 -6.93 14.32
N LEU A 84 -0.05 -8.09 13.73
CA LEU A 84 -0.33 -9.32 14.45
C LEU A 84 0.97 -9.91 15.00
N ARG A 85 0.94 -11.19 15.34
CA ARG A 85 2.14 -11.88 15.81
C ARG A 85 3.15 -12.00 14.68
N ILE A 86 2.67 -11.83 13.45
CA ILE A 86 3.51 -11.87 12.28
C ILE A 86 3.75 -10.44 11.78
N MET A 87 4.75 -10.26 10.95
CA MET A 87 5.09 -8.96 10.43
C MET A 87 4.52 -8.76 9.02
N PRO A 88 3.38 -8.04 8.90
CA PRO A 88 2.73 -7.80 7.62
C PRO A 88 3.54 -6.83 6.75
N GLU A 89 3.69 -7.16 5.50
CA GLU A 89 4.45 -6.36 4.57
C GLU A 89 3.52 -5.57 3.67
N LEU A 90 3.58 -4.26 3.76
CA LEU A 90 2.71 -3.40 2.96
C LEU A 90 3.36 -3.07 1.61
N MET A 91 2.67 -3.36 0.51
CA MET A 91 3.19 -3.10 -0.83
C MET A 91 2.53 -1.87 -1.39
N TYR A 92 3.24 -1.16 -2.25
CA TYR A 92 2.68 0.03 -2.88
C TYR A 92 2.67 -0.18 -4.39
N GLU A 93 1.51 -0.57 -4.90
CA GLU A 93 1.36 -0.94 -6.31
C GLU A 93 0.19 -0.19 -6.96
N TYR A 94 0.23 -0.11 -8.28
CA TYR A 94 -0.84 0.52 -9.04
C TYR A 94 -1.91 -0.52 -9.33
N ASP A 95 -3.17 -0.09 -9.31
CA ASP A 95 -4.30 -0.99 -9.54
C ASP A 95 -4.26 -1.65 -10.92
N GLN A 96 -4.32 -2.96 -10.92
CA GLN A 96 -4.41 -3.73 -12.15
C GLN A 96 -5.79 -4.40 -12.24
N SER A 97 -6.65 -4.08 -11.28
CA SER A 97 -7.96 -4.71 -11.19
C SER A 97 -8.98 -4.00 -12.09
N ILE A 98 -9.12 -2.69 -11.90
CA ILE A 98 -10.07 -1.93 -12.67
C ILE A 98 -9.36 -0.97 -13.62
N GLU A 99 -8.10 -0.68 -13.33
CA GLU A 99 -7.28 0.14 -14.18
C GLU A 99 -6.76 -0.68 -15.36
N TYR A 100 -5.80 -0.13 -16.07
CA TYR A 100 -5.21 -0.81 -17.19
C TYR A 100 -4.17 -1.82 -16.68
N GLY A 101 -4.22 -3.07 -17.16
CA GLY A 101 -3.28 -4.07 -16.72
C GLY A 101 -1.98 -3.94 -17.48
N ASN A 102 -1.15 -3.01 -17.07
CA ASN A 102 0.09 -2.73 -17.74
C ASN A 102 1.26 -3.53 -17.16
N LYS A 103 2.42 -3.43 -17.79
CA LYS A 103 3.58 -4.23 -17.43
C LYS A 103 4.40 -3.65 -16.26
N ILE A 104 3.80 -2.77 -15.47
CA ILE A 104 4.48 -2.17 -14.29
C ILE A 104 4.89 -3.24 -13.25
N GLU A 105 4.50 -4.49 -13.52
CA GLU A 105 4.84 -5.64 -12.69
C GLU A 105 6.35 -5.68 -12.44
N ARG A 106 6.73 -5.88 -11.20
CA ARG A 106 8.13 -5.89 -10.81
C ARG A 106 8.38 -6.91 -9.72
N MET A 107 9.64 -7.10 -9.35
CA MET A 107 10.00 -8.06 -8.30
C MET A 107 9.35 -7.73 -6.99
N ILE A 108 9.29 -8.74 -6.11
CA ILE A 108 8.76 -8.58 -4.77
C ILE A 108 9.55 -7.49 -4.09
N GLN A 109 8.97 -6.33 -4.08
CA GLN A 109 9.60 -5.16 -3.64
C GLN A 109 8.50 -4.28 -3.21
N ASP A 110 8.82 -3.07 -2.73
CA ASP A 110 7.79 -2.08 -2.41
C ASP A 110 7.21 -2.33 -1.04
N LEU A 111 7.43 -3.53 -0.55
CA LEU A 111 7.06 -3.91 0.79
C LEU A 111 7.84 -3.08 1.75
N HIS A 112 7.19 -2.19 2.48
CA HIS A 112 7.93 -1.32 3.36
C HIS A 112 8.30 -2.02 4.65
N LYS A 113 7.92 -3.26 4.75
CA LYS A 113 8.32 -4.10 5.91
C LYS A 113 9.65 -4.78 5.57
N GLN A 114 9.76 -5.23 4.32
CA GLN A 114 11.00 -5.83 3.81
C GLN A 114 12.03 -4.72 3.60
N ASP A 115 11.50 -3.53 3.40
CA ASP A 115 12.28 -2.30 3.21
C ASP A 115 13.18 -2.03 4.42
N ARG A 116 12.85 -2.63 5.56
CA ARG A 116 13.63 -2.42 6.75
C ARG A 116 14.95 -3.18 6.65
N VAL A 117 15.90 -2.55 6.01
CA VAL A 117 17.25 -3.06 5.86
C VAL A 117 18.23 -1.89 5.87
N GLU A 118 17.85 -0.83 5.17
CA GLU A 118 18.66 0.37 5.11
C GLU A 118 18.38 1.23 6.34
N GLY A 1 -11.21 -14.54 -7.10
CA GLY A 1 -11.12 -13.44 -6.11
C GLY A 1 -9.95 -13.60 -5.19
N SER A 2 -10.21 -13.67 -3.90
CA SER A 2 -9.17 -13.82 -2.91
C SER A 2 -9.69 -14.64 -1.72
N SER A 3 -8.87 -14.78 -0.70
CA SER A 3 -9.24 -15.59 0.48
C SER A 3 -9.81 -14.71 1.59
N MET A 4 -10.42 -15.36 2.58
CA MET A 4 -11.07 -14.65 3.69
C MET A 4 -10.10 -13.77 4.45
N ARG A 5 -8.98 -14.35 4.89
CA ARG A 5 -7.98 -13.60 5.63
C ARG A 5 -7.46 -12.44 4.81
N ALA A 6 -7.07 -12.72 3.58
CA ALA A 6 -6.55 -11.70 2.67
C ALA A 6 -7.55 -10.56 2.48
N GLU A 7 -8.80 -10.91 2.28
CA GLU A 7 -9.86 -9.92 2.06
C GLU A 7 -10.15 -9.13 3.34
N ARG A 8 -10.40 -9.83 4.44
CA ARG A 8 -10.73 -9.19 5.70
C ARG A 8 -9.59 -8.32 6.19
N VAL A 9 -8.43 -8.93 6.37
CA VAL A 9 -7.25 -8.22 6.87
C VAL A 9 -6.83 -7.18 5.85
N GLY A 10 -7.02 -7.50 4.58
CA GLY A 10 -6.69 -6.56 3.55
C GLY A 10 -7.62 -5.38 3.52
N GLU A 11 -8.83 -5.57 4.03
CA GLU A 11 -9.77 -4.49 4.06
C GLU A 11 -9.41 -3.63 5.24
N GLN A 12 -8.90 -4.26 6.29
CA GLN A 12 -8.44 -3.53 7.43
C GLN A 12 -7.20 -2.74 7.03
N MET A 13 -6.30 -3.43 6.31
CA MET A 13 -5.10 -2.82 5.78
C MET A 13 -5.50 -1.68 4.88
N LYS A 14 -6.57 -1.88 4.12
CA LYS A 14 -7.13 -0.86 3.27
C LYS A 14 -7.52 0.35 4.12
N LYS A 15 -8.13 0.09 5.28
CA LYS A 15 -8.56 1.15 6.17
C LYS A 15 -7.37 1.91 6.70
N GLU A 16 -6.40 1.16 7.20
CA GLU A 16 -5.19 1.77 7.74
C GLU A 16 -4.42 2.48 6.64
N LEU A 17 -4.37 1.87 5.46
CA LEU A 17 -3.66 2.46 4.34
C LEU A 17 -4.37 3.75 3.90
N MET A 18 -5.70 3.68 3.80
CA MET A 18 -6.52 4.84 3.43
C MET A 18 -6.22 6.00 4.34
N ASP A 19 -6.29 5.73 5.62
CA ASP A 19 -6.10 6.75 6.63
C ASP A 19 -4.67 7.27 6.64
N ILE A 20 -3.69 6.38 6.61
CA ILE A 20 -2.30 6.83 6.66
C ILE A 20 -1.94 7.71 5.45
N ILE A 21 -2.24 7.25 4.25
CA ILE A 21 -1.86 8.02 3.09
C ILE A 21 -2.68 9.30 2.95
N ASN A 22 -4.00 9.18 3.00
CA ASN A 22 -4.88 10.31 2.78
C ASN A 22 -4.80 11.33 3.92
N ASN A 23 -4.88 10.83 5.13
CA ASN A 23 -4.93 11.68 6.31
C ASN A 23 -3.55 12.17 6.78
N LYS A 24 -2.48 11.45 6.46
CA LYS A 24 -1.15 11.87 6.94
C LYS A 24 -0.23 12.41 5.85
N VAL A 25 -0.24 11.80 4.68
CA VAL A 25 0.69 12.23 3.64
C VAL A 25 -0.04 13.04 2.57
N LYS A 26 0.06 14.35 2.68
CA LYS A 26 -0.61 15.25 1.76
C LYS A 26 0.16 15.45 0.46
N ASP A 27 -0.52 15.22 -0.64
CA ASP A 27 0.00 15.50 -1.98
C ASP A 27 -1.17 15.86 -2.91
N PRO A 28 -1.86 17.00 -2.63
CA PRO A 28 -3.07 17.40 -3.33
C PRO A 28 -2.81 17.98 -4.73
N ARG A 29 -1.70 17.61 -5.32
CA ARG A 29 -1.36 18.08 -6.65
C ARG A 29 -1.59 16.95 -7.66
N VAL A 30 -2.20 15.89 -7.17
CA VAL A 30 -2.53 14.75 -7.97
C VAL A 30 -4.02 14.40 -7.76
N GLY A 31 -4.58 13.54 -8.60
CA GLY A 31 -5.98 13.17 -8.46
C GLY A 31 -6.26 12.41 -7.18
N PHE A 32 -7.49 11.95 -7.04
CA PHE A 32 -7.89 11.18 -5.86
C PHE A 32 -7.06 9.90 -5.76
N ILE A 33 -6.58 9.63 -4.56
CA ILE A 33 -5.78 8.45 -4.32
C ILE A 33 -6.65 7.41 -3.64
N THR A 34 -6.90 6.32 -4.32
CA THR A 34 -7.81 5.32 -3.80
C THR A 34 -7.14 3.96 -3.64
N ILE A 35 -7.38 3.32 -2.50
CA ILE A 35 -6.90 1.98 -2.27
C ILE A 35 -7.92 1.04 -2.87
N THR A 36 -7.56 0.41 -3.94
CA THR A 36 -8.49 -0.42 -4.64
C THR A 36 -8.47 -1.79 -4.05
N ASP A 37 -7.29 -2.20 -3.59
CA ASP A 37 -7.17 -3.50 -3.00
C ASP A 37 -5.96 -3.65 -2.15
N VAL A 38 -6.12 -4.46 -1.13
CA VAL A 38 -5.04 -4.96 -0.38
C VAL A 38 -5.11 -6.38 -0.46
N VAL A 39 -4.20 -6.91 -1.15
CA VAL A 39 -4.25 -8.28 -1.30
C VAL A 39 -3.04 -8.92 -0.72
N LEU A 40 -3.29 -9.69 0.26
CA LEU A 40 -2.26 -10.48 0.83
C LEU A 40 -1.77 -11.51 -0.18
N THR A 41 -0.47 -11.47 -0.43
CA THR A 41 0.16 -12.37 -1.39
C THR A 41 -0.04 -13.83 -0.99
N ASN A 42 0.18 -14.75 -1.92
CA ASN A 42 0.05 -16.19 -1.67
C ASN A 42 1.00 -16.62 -0.55
N ASP A 43 2.07 -15.86 -0.37
CA ASP A 43 3.05 -16.12 0.69
C ASP A 43 2.45 -15.83 2.06
N LEU A 44 1.33 -15.08 2.06
CA LEU A 44 0.60 -14.71 3.27
C LEU A 44 1.47 -13.86 4.21
N SER A 45 2.39 -13.12 3.62
CA SER A 45 3.27 -12.28 4.40
C SER A 45 3.28 -10.87 3.82
N GLN A 46 2.58 -10.67 2.69
CA GLN A 46 2.56 -9.37 2.06
C GLN A 46 1.14 -8.86 1.87
N ALA A 47 1.01 -7.55 1.86
CA ALA A 47 -0.25 -6.86 1.69
C ALA A 47 -0.08 -5.83 0.63
N LYS A 48 -0.42 -6.18 -0.58
CA LYS A 48 -0.20 -5.30 -1.67
C LYS A 48 -1.26 -4.26 -1.71
N VAL A 49 -0.85 -3.02 -1.61
CA VAL A 49 -1.75 -1.94 -1.64
C VAL A 49 -1.83 -1.42 -3.03
N PHE A 50 -2.87 -1.83 -3.67
CA PHE A 50 -3.15 -1.44 -4.99
C PHE A 50 -3.84 -0.08 -4.99
N LEU A 51 -3.16 0.95 -5.49
CA LEU A 51 -3.72 2.28 -5.50
C LEU A 51 -4.09 2.70 -6.90
N THR A 52 -4.99 3.63 -6.97
CA THR A 52 -5.35 4.26 -8.19
C THR A 52 -5.41 5.75 -7.94
N VAL A 53 -4.89 6.51 -8.86
CA VAL A 53 -4.87 7.95 -8.74
C VAL A 53 -4.97 8.57 -10.13
N LEU A 54 -5.56 9.75 -10.21
CA LEU A 54 -5.75 10.39 -11.52
C LEU A 54 -4.52 11.16 -11.90
N GLY A 55 -3.84 10.62 -12.86
CA GLY A 55 -2.64 11.26 -13.36
C GLY A 55 -1.76 10.29 -14.11
N ASN A 56 -0.50 10.66 -14.26
CA ASN A 56 0.46 9.83 -14.97
C ASN A 56 0.80 8.63 -14.19
N ASP A 57 1.29 7.61 -14.88
CA ASP A 57 1.76 6.42 -14.21
C ASP A 57 2.93 6.83 -13.34
N LYS A 58 3.58 7.91 -13.78
CA LYS A 58 4.67 8.51 -13.07
C LYS A 58 4.13 9.40 -11.97
N GLU A 59 2.89 9.86 -12.14
CA GLU A 59 2.24 10.63 -11.09
C GLU A 59 1.79 9.66 -10.01
N VAL A 60 1.38 8.49 -10.47
CA VAL A 60 1.08 7.37 -9.61
C VAL A 60 2.32 7.07 -8.81
N GLU A 61 3.44 7.12 -9.51
CA GLU A 61 4.73 6.90 -8.90
C GLU A 61 5.05 8.03 -7.96
N ASN A 62 4.63 9.23 -8.32
CA ASN A 62 4.88 10.40 -7.49
C ASN A 62 4.21 10.24 -6.12
N THR A 63 2.97 9.73 -6.12
CA THR A 63 2.31 9.43 -4.86
C THR A 63 3.06 8.32 -4.14
N PHE A 64 3.50 7.32 -4.92
CA PHE A 64 4.31 6.25 -4.37
C PHE A 64 5.60 6.83 -3.80
N LYS A 65 6.19 7.81 -4.48
CA LYS A 65 7.35 8.49 -3.95
C LYS A 65 7.03 9.15 -2.66
N ALA A 66 5.87 9.79 -2.56
CA ALA A 66 5.47 10.42 -1.29
C ALA A 66 5.38 9.37 -0.19
N LEU A 67 5.02 8.15 -0.59
CA LEU A 67 4.90 7.06 0.34
C LEU A 67 6.29 6.58 0.76
N ASP A 68 7.16 6.31 -0.22
CA ASP A 68 8.55 5.91 0.10
C ASP A 68 9.43 7.10 0.58
N LYS A 69 9.02 8.32 0.26
CA LYS A 69 9.75 9.51 0.72
C LYS A 69 9.48 9.74 2.21
N ALA A 70 8.24 9.53 2.63
CA ALA A 70 7.87 9.64 4.05
C ALA A 70 7.82 8.25 4.62
N LYS A 71 8.55 7.40 3.94
CA LYS A 71 8.67 5.97 4.17
C LYS A 71 8.47 5.53 5.61
N GLY A 72 9.43 5.77 6.48
CA GLY A 72 9.36 5.19 7.81
C GLY A 72 8.21 5.68 8.62
N PHE A 73 7.73 6.88 8.35
CA PHE A 73 6.57 7.38 9.06
C PHE A 73 5.36 6.61 8.59
N ILE A 74 5.23 6.51 7.27
CA ILE A 74 4.14 5.76 6.67
C ILE A 74 4.27 4.28 7.09
N LYS A 75 5.53 3.86 7.20
CA LYS A 75 5.95 2.49 7.52
C LYS A 75 5.80 2.14 8.99
N SER A 76 5.89 3.12 9.87
CA SER A 76 5.81 2.82 11.29
C SER A 76 4.39 2.82 11.66
N GLU A 77 3.69 3.69 10.99
CA GLU A 77 2.29 3.76 11.09
C GLU A 77 1.69 2.46 10.55
N LEU A 78 2.18 2.06 9.38
CA LEU A 78 1.80 0.80 8.76
C LEU A 78 2.45 -0.38 9.48
N GLY A 79 3.46 -0.10 10.25
CA GLY A 79 4.09 -1.13 11.04
C GLY A 79 3.30 -1.49 12.29
N SER A 80 2.71 -0.49 12.91
CA SER A 80 2.01 -0.69 14.19
C SER A 80 0.53 -1.01 14.03
N ARG A 81 0.04 -0.99 12.79
CA ARG A 81 -1.39 -1.13 12.52
C ARG A 81 -2.05 -2.47 12.95
N MET A 82 -2.53 -2.50 14.20
CA MET A 82 -3.34 -3.60 14.75
C MET A 82 -2.71 -5.00 14.53
N ARG A 83 -1.40 -5.08 14.41
CA ARG A 83 -0.77 -6.37 14.19
C ARG A 83 0.38 -6.65 15.13
N LEU A 84 0.35 -7.85 15.70
CA LEU A 84 1.36 -8.32 16.64
C LEU A 84 2.25 -9.38 16.01
N ARG A 85 2.24 -10.60 16.58
CA ARG A 85 3.10 -11.70 16.14
C ARG A 85 3.07 -11.88 14.61
N ILE A 86 1.89 -11.90 14.03
CA ILE A 86 1.76 -12.06 12.59
C ILE A 86 1.59 -10.69 11.92
N MET A 87 2.55 -10.32 11.09
CA MET A 87 2.50 -9.02 10.43
C MET A 87 2.61 -9.16 8.92
N PRO A 88 1.50 -8.94 8.21
CA PRO A 88 1.51 -8.87 6.74
C PRO A 88 2.14 -7.55 6.31
N GLU A 89 3.15 -7.62 5.47
CA GLU A 89 3.89 -6.45 5.06
C GLU A 89 3.27 -5.78 3.84
N LEU A 90 2.84 -4.56 4.03
CA LEU A 90 2.16 -3.80 3.00
C LEU A 90 3.13 -3.27 1.93
N MET A 91 2.63 -3.23 0.69
CA MET A 91 3.41 -2.76 -0.45
C MET A 91 2.67 -1.67 -1.19
N TYR A 92 3.41 -0.79 -1.86
CA TYR A 92 2.82 0.31 -2.61
C TYR A 92 2.86 0.01 -4.10
N GLU A 93 1.73 -0.46 -4.65
CA GLU A 93 1.69 -0.79 -6.07
C GLU A 93 0.45 -0.21 -6.73
N TYR A 94 0.53 0.01 -8.04
CA TYR A 94 -0.60 0.50 -8.80
C TYR A 94 -1.55 -0.66 -9.04
N ASP A 95 -2.85 -0.40 -8.96
CA ASP A 95 -3.83 -1.46 -9.14
C ASP A 95 -3.67 -2.19 -10.46
N GLN A 96 -3.48 -3.49 -10.36
CA GLN A 96 -3.35 -4.34 -11.53
C GLN A 96 -4.61 -5.21 -11.65
N SER A 97 -5.57 -4.94 -10.78
CA SER A 97 -6.79 -5.73 -10.68
C SER A 97 -7.86 -5.24 -11.65
N ILE A 98 -8.24 -3.98 -11.50
CA ILE A 98 -9.28 -3.40 -12.32
C ILE A 98 -8.69 -2.39 -13.30
N GLU A 99 -7.55 -1.79 -12.92
CA GLU A 99 -6.87 -0.87 -13.81
C GLU A 99 -6.05 -1.67 -14.82
N TYR A 100 -5.36 -0.98 -15.70
CA TYR A 100 -4.51 -1.65 -16.65
C TYR A 100 -3.29 -2.20 -15.90
N GLY A 101 -3.21 -3.53 -15.75
CA GLY A 101 -2.14 -4.07 -14.96
C GLY A 101 -1.40 -5.21 -15.65
N ASN A 102 -0.12 -5.35 -15.32
CA ASN A 102 0.71 -6.41 -15.88
C ASN A 102 0.90 -7.52 -14.86
N LYS A 103 1.13 -8.72 -15.32
CA LYS A 103 1.39 -9.84 -14.42
C LYS A 103 2.89 -10.08 -14.30
N ILE A 104 3.66 -9.34 -15.09
CA ILE A 104 5.12 -9.45 -15.05
C ILE A 104 5.67 -8.57 -13.93
N GLU A 105 4.81 -7.75 -13.37
CA GLU A 105 5.18 -6.89 -12.26
C GLU A 105 5.11 -7.67 -10.98
N ARG A 106 6.23 -7.72 -10.29
CA ARG A 106 6.34 -8.46 -9.05
C ARG A 106 7.56 -8.01 -8.27
N MET A 107 7.41 -6.94 -7.54
CA MET A 107 8.49 -6.42 -6.72
C MET A 107 8.31 -6.83 -5.29
N ILE A 108 9.36 -7.36 -4.70
CA ILE A 108 9.36 -7.69 -3.30
C ILE A 108 10.10 -6.61 -2.58
N GLN A 109 9.35 -5.74 -1.98
CA GLN A 109 9.87 -4.55 -1.43
C GLN A 109 8.83 -4.02 -0.49
N ASP A 110 9.12 -2.89 0.16
CA ASP A 110 8.09 -2.16 0.91
C ASP A 110 7.93 -2.65 2.29
N LEU A 111 8.43 -3.81 2.53
CA LEU A 111 8.39 -4.40 3.83
C LEU A 111 9.07 -3.50 4.82
N HIS A 112 8.30 -2.89 5.71
CA HIS A 112 8.91 -2.06 6.73
C HIS A 112 9.78 -2.92 7.62
N LYS A 113 9.39 -4.17 7.71
CA LYS A 113 10.15 -5.17 8.52
C LYS A 113 11.51 -5.54 7.89
N GLN A 114 11.49 -6.26 6.77
CA GLN A 114 12.76 -6.76 6.20
C GLN A 114 13.13 -6.12 4.85
N ASP A 115 12.29 -6.34 3.84
CA ASP A 115 12.55 -5.93 2.45
C ASP A 115 12.31 -4.44 2.17
N ARG A 116 12.64 -3.61 3.15
CA ARG A 116 12.50 -2.14 3.04
C ARG A 116 12.92 -1.63 1.65
N VAL A 117 12.17 -0.65 1.14
CA VAL A 117 12.38 -0.11 -0.22
C VAL A 117 13.81 0.30 -0.50
N GLU A 118 14.14 0.33 -1.81
CA GLU A 118 15.46 0.72 -2.32
C GLU A 118 16.61 0.14 -1.48
#